data_7E0Q
#
_entry.id   7E0Q
#
_cell.length_a   85.140
_cell.length_b   91.993
_cell.length_c   130.501
_cell.angle_alpha   90.000
_cell.angle_beta   90.000
_cell.angle_gamma   90.000
#
_symmetry.space_group_name_H-M   'P 21 21 21'
#
loop_
_entity.id
_entity.type
_entity.pdbx_description
1 polymer 'Indoleamine 2,3-dioxygenase 1'
2 non-polymer 'PROTOPORPHYRIN IX CONTAINING FE'
3 non-polymer (1~{S},2~{R})-2-[[(6-bromanyl-1~{H}-indazol-4-yl)amino]methyl]cyclohexan-1-ol
4 water water
#
_entity_poly.entity_id   1
_entity_poly.type   'polypeptide(L)'
_entity_poly.pdbx_seq_one_letter_code
;SKEYHIDEEVGFALPNPQENLPDFYNDWMFIAKHLPDLIESGQLRERVEKLNMLSIDHLTDHKSQRLARLVLGCITMAYV
WGKGHGDVRKVLPRNIAVPYCQLSKKLELPPILVYADCVLANWKKKDPNKPLTYENMDVLFSFRDGDCSKGFFLVSLLVE
IAAASAIKVIPTVFKAMQMQERDTLLKALLEIASCLEKALQVFHQIHDHVNPKAFFSVLRIYLSGWKGNPQLSDGLVYEG
FWEDPKEFAGGSAGQSSVFQCFDVLLGIQQTAGGGHAAQFLQDMRRYMPPAHRNFLCSLESNPSVREFVLSKGDAGLREA
YDACVKALVSLRSYHLQIVTKYILIPASQQPKENKTSEDPSKLEAKGTGGTDLMNFLKTVRSTTEKSLLKEG
;
_entity_poly.pdbx_strand_id   A,B
#
# COMPACT_ATOMS: atom_id res chain seq x y z
N SER A 1 18.97 -10.37 5.99
CA SER A 1 19.49 -10.90 4.72
C SER A 1 19.82 -9.77 3.74
N LYS A 2 20.44 -10.15 2.62
CA LYS A 2 20.74 -9.24 1.53
C LYS A 2 19.61 -9.12 0.53
N GLU A 3 18.69 -10.10 0.48
CA GLU A 3 17.51 -9.95 -0.36
C GLU A 3 16.58 -8.86 0.15
N TYR A 4 16.59 -8.59 1.48
CA TYR A 4 15.85 -7.45 2.04
C TYR A 4 16.73 -6.26 2.34
N HIS A 5 18.06 -6.39 2.20
CA HIS A 5 18.98 -5.29 2.40
C HIS A 5 18.84 -4.73 3.82
N ILE A 6 19.02 -5.67 4.74
CA ILE A 6 19.07 -5.43 6.17
C ILE A 6 20.47 -5.82 6.66
N ASP A 7 21.21 -4.82 7.12
CA ASP A 7 22.55 -5.02 7.61
C ASP A 7 22.51 -5.52 9.06
N GLU A 8 23.42 -6.40 9.42
CA GLU A 8 23.36 -6.97 10.75
C GLU A 8 23.74 -5.96 11.82
N GLU A 9 24.45 -4.90 11.46
CA GLU A 9 24.86 -3.88 12.43
C GLU A 9 23.85 -2.75 12.53
N VAL A 10 23.39 -2.24 11.38
CA VAL A 10 22.62 -1.01 11.30
C VAL A 10 21.24 -1.22 10.71
N GLY A 11 20.84 -2.47 10.44
CA GLY A 11 19.45 -2.76 10.10
C GLY A 11 19.00 -2.17 8.78
N PHE A 12 17.98 -1.32 8.81
CA PHE A 12 17.49 -0.67 7.61
C PHE A 12 18.36 0.50 7.16
N ALA A 13 19.26 0.97 8.00
CA ALA A 13 20.15 2.03 7.55
C ALA A 13 21.11 1.50 6.50
N LEU A 14 21.62 2.43 5.71
CA LEU A 14 22.60 2.11 4.70
C LEU A 14 23.96 2.03 5.38
N PRO A 15 24.63 0.90 5.27
CA PRO A 15 25.92 0.77 5.94
C PRO A 15 26.99 1.55 5.19
N ASN A 16 27.95 2.09 5.96
CA ASN A 16 29.03 2.94 5.45
C ASN A 16 28.66 3.64 4.15
N PRO A 17 27.85 4.68 4.22
CA PRO A 17 27.45 5.38 2.99
C PRO A 17 28.63 6.07 2.34
N GLN A 18 28.47 6.30 1.04
CA GLN A 18 29.44 7.03 0.26
C GLN A 18 29.42 8.52 0.58
N GLU A 19 30.60 9.12 0.68
CA GLU A 19 30.72 10.55 0.95
C GLU A 19 31.03 11.37 -0.30
N ASN A 20 31.65 10.76 -1.29
CA ASN A 20 32.10 11.47 -2.47
C ASN A 20 31.47 10.87 -3.70
N LEU A 21 31.23 11.73 -4.64
CA LEU A 21 30.79 11.31 -5.94
C LEU A 21 31.92 11.38 -6.94
N PRO A 22 31.83 10.60 -8.01
CA PRO A 22 32.76 10.77 -9.13
C PRO A 22 32.90 12.25 -9.49
N ASP A 23 34.16 12.68 -9.74
CA ASP A 23 34.53 14.05 -10.12
C ASP A 23 33.58 14.65 -11.17
N PHE A 24 32.91 13.81 -11.97
CA PHE A 24 31.94 14.27 -12.98
C PHE A 24 30.77 14.99 -12.35
N TYR A 25 30.52 14.80 -11.06
CA TYR A 25 29.36 15.40 -10.40
C TYR A 25 29.75 16.53 -9.45
N ASN A 26 31.04 16.88 -9.40
CA ASN A 26 31.53 17.97 -8.56
C ASN A 26 30.64 19.21 -8.54
N ASP A 27 29.93 19.54 -9.65
CA ASP A 27 29.03 20.70 -9.65
C ASP A 27 27.80 20.47 -8.79
N TRP A 28 27.33 19.23 -8.65
CA TRP A 28 26.34 18.88 -7.64
C TRP A 28 26.94 18.95 -6.24
N MET A 29 28.01 18.21 -6.00
CA MET A 29 28.58 18.15 -4.65
C MET A 29 28.88 19.52 -4.10
N PHE A 30 29.24 20.49 -4.93
CA PHE A 30 29.65 21.77 -4.36
C PHE A 30 28.44 22.55 -3.85
N ILE A 31 27.31 22.52 -4.56
CA ILE A 31 26.12 23.22 -4.09
C ILE A 31 25.60 22.55 -2.81
N ALA A 32 25.41 21.23 -2.87
CA ALA A 32 24.93 20.46 -1.72
C ALA A 32 25.79 20.73 -0.49
N LYS A 33 27.12 20.70 -0.66
CA LYS A 33 28.03 20.86 0.46
C LYS A 33 28.08 22.27 1.01
N HIS A 34 27.46 23.24 0.35
CA HIS A 34 27.54 24.64 0.79
C HIS A 34 26.15 25.27 0.78
N LEU A 35 25.11 24.46 1.04
CA LEU A 35 23.76 25.01 1.11
C LEU A 35 23.59 26.13 2.12
N PRO A 36 24.10 26.03 3.34
CA PRO A 36 23.96 27.15 4.28
C PRO A 36 24.53 28.43 3.70
N ASP A 37 25.80 28.40 3.30
CA ASP A 37 26.43 29.60 2.78
C ASP A 37 25.70 30.16 1.56
N LEU A 38 25.22 29.27 0.66
CA LEU A 38 24.63 29.71 -0.62
C LEU A 38 23.23 30.28 -0.44
N ILE A 39 22.47 29.71 0.48
CA ILE A 39 21.13 30.20 0.77
C ILE A 39 21.20 31.57 1.43
N GLU A 40 22.06 31.68 2.45
CA GLU A 40 22.15 32.89 3.24
C GLU A 40 22.42 34.08 2.33
N SER A 41 23.24 33.83 1.31
CA SER A 41 23.74 34.83 0.39
C SER A 41 22.92 34.93 -0.88
N GLY A 42 21.66 34.52 -0.87
CA GLY A 42 20.79 34.69 -2.02
C GLY A 42 21.28 34.09 -3.32
N GLN A 43 22.26 33.18 -3.26
CA GLN A 43 22.85 32.65 -4.47
C GLN A 43 22.52 31.21 -4.74
N LEU A 44 21.63 30.59 -3.97
CA LEU A 44 21.45 29.17 -4.17
C LEU A 44 20.71 28.93 -5.49
N ARG A 45 19.52 29.51 -5.64
CA ARG A 45 18.73 29.26 -6.82
C ARG A 45 19.49 29.60 -8.10
N GLU A 46 20.29 30.68 -8.06
CA GLU A 46 21.20 31.03 -9.14
C GLU A 46 22.13 29.86 -9.48
N ARG A 47 22.92 29.40 -8.50
CA ARG A 47 23.93 28.39 -8.82
C ARG A 47 23.29 27.13 -9.37
N VAL A 48 22.05 26.85 -8.96
CA VAL A 48 21.33 25.70 -9.45
C VAL A 48 20.93 25.93 -10.90
N GLU A 49 20.30 27.06 -11.15
CA GLU A 49 19.82 27.42 -12.49
C GLU A 49 20.98 27.50 -13.51
N LYS A 50 22.20 27.68 -13.06
CA LYS A 50 23.35 27.69 -13.96
C LYS A 50 23.97 26.30 -14.12
N LEU A 51 23.25 25.25 -13.77
CA LEU A 51 23.81 23.91 -13.89
C LEU A 51 23.52 23.31 -15.26
N ASN A 52 24.47 22.51 -15.72
CA ASN A 52 24.29 21.70 -16.91
C ASN A 52 23.66 20.37 -16.53
N MET A 53 22.64 19.97 -17.29
CA MET A 53 22.08 18.63 -17.09
C MET A 53 23.14 17.56 -17.19
N LEU A 54 23.48 16.95 -16.06
CA LEU A 54 24.37 15.81 -16.02
C LEU A 54 23.60 14.50 -16.17
N SER A 55 24.34 13.49 -16.59
CA SER A 55 23.77 12.18 -16.82
C SER A 55 24.05 11.35 -15.60
N ILE A 56 23.09 10.53 -15.22
CA ILE A 56 23.28 9.64 -14.09
C ILE A 56 24.06 8.38 -14.46
N ASP A 57 24.46 8.24 -15.74
CA ASP A 57 25.08 6.99 -16.21
C ASP A 57 26.35 6.68 -15.45
N HIS A 58 27.02 7.71 -14.92
CA HIS A 58 28.27 7.52 -14.21
C HIS A 58 28.06 7.18 -12.73
N LEU A 59 26.81 7.00 -12.30
CA LEU A 59 26.47 6.53 -10.95
C LEU A 59 26.26 5.03 -11.06
N THR A 60 27.34 4.28 -10.81
CA THR A 60 27.49 2.89 -11.22
C THR A 60 26.98 1.86 -10.21
N ASP A 61 27.10 2.11 -8.90
CA ASP A 61 26.68 1.18 -7.86
C ASP A 61 25.66 1.85 -6.96
N HIS A 62 25.02 1.04 -6.10
CA HIS A 62 23.89 1.51 -5.30
C HIS A 62 24.28 2.68 -4.40
N LYS A 63 25.36 2.52 -3.64
CA LYS A 63 25.78 3.58 -2.74
C LYS A 63 25.98 4.91 -3.44
N SER A 64 26.63 4.89 -4.62
CA SER A 64 26.80 6.12 -5.42
C SER A 64 25.45 6.72 -5.82
N GLN A 65 24.45 5.87 -6.01
CA GLN A 65 23.13 6.33 -6.40
C GLN A 65 22.38 6.91 -5.20
N ARG A 66 22.49 6.22 -4.06
CA ARG A 66 21.91 6.74 -2.82
C ARG A 66 22.51 8.09 -2.45
N LEU A 67 23.83 8.24 -2.57
CA LEU A 67 24.47 9.52 -2.25
C LEU A 67 23.89 10.65 -3.09
N ALA A 68 23.68 10.39 -4.39
CA ALA A 68 23.21 11.43 -5.31
C ALA A 68 21.74 11.76 -5.06
N ARG A 69 20.96 10.76 -4.68
CA ARG A 69 19.62 11.05 -4.19
C ARG A 69 19.64 12.00 -3.02
N LEU A 70 20.65 11.90 -2.17
CA LEU A 70 20.69 12.74 -0.99
C LEU A 70 21.12 14.13 -1.37
N VAL A 71 22.18 14.19 -2.20
CA VAL A 71 22.64 15.45 -2.81
C VAL A 71 21.48 16.13 -3.52
N LEU A 72 20.85 15.44 -4.46
CA LEU A 72 19.81 16.11 -5.24
C LEU A 72 18.57 16.46 -4.42
N GLY A 73 18.22 15.60 -3.45
CA GLY A 73 17.08 15.90 -2.58
C GLY A 73 17.34 17.09 -1.69
N CYS A 74 18.57 17.23 -1.19
CA CYS A 74 18.86 18.40 -0.36
C CYS A 74 18.91 19.66 -1.22
N ILE A 75 19.42 19.55 -2.43
CA ILE A 75 19.37 20.71 -3.32
C ILE A 75 17.93 21.09 -3.58
N THR A 76 17.08 20.10 -3.82
CA THR A 76 15.70 20.41 -4.14
C THR A 76 15.02 21.13 -2.98
N MET A 77 15.22 20.63 -1.76
CA MET A 77 14.62 21.33 -0.63
C MET A 77 15.11 22.78 -0.58
N ALA A 78 16.43 22.96 -0.71
CA ALA A 78 17.00 24.30 -0.69
C ALA A 78 16.38 25.17 -1.76
N TYR A 79 16.29 24.64 -2.99
CA TYR A 79 15.75 25.41 -4.11
C TYR A 79 14.30 25.81 -3.87
N VAL A 80 13.44 24.83 -3.53
CA VAL A 80 12.02 25.11 -3.33
C VAL A 80 11.79 26.11 -2.18
N TRP A 81 12.40 25.85 -1.00
CA TRP A 81 12.07 26.64 0.19
C TRP A 81 12.93 27.88 0.30
N GLY A 82 14.03 27.90 -0.40
CA GLY A 82 14.85 29.08 -0.39
C GLY A 82 15.39 29.38 0.99
N LYS A 83 15.13 30.58 1.47
CA LYS A 83 15.49 31.01 2.81
C LYS A 83 14.45 30.65 3.85
N GLY A 84 13.36 30.00 3.46
CA GLY A 84 12.44 29.43 4.44
C GLY A 84 11.59 30.44 5.17
N HIS A 85 11.22 31.54 4.50
CA HIS A 85 10.28 32.53 5.02
C HIS A 85 9.20 32.88 4.01
N GLY A 86 9.11 32.14 2.92
CA GLY A 86 7.95 32.29 2.05
C GLY A 86 8.23 32.47 0.56
N ASP A 87 9.39 33.00 0.18
CA ASP A 87 9.68 33.08 -1.25
C ASP A 87 9.92 31.64 -1.69
N VAL A 88 8.93 31.08 -2.35
CA VAL A 88 8.97 29.70 -2.79
C VAL A 88 9.15 29.62 -4.30
N ARG A 89 9.70 28.50 -4.75
CA ARG A 89 9.73 28.10 -6.15
C ARG A 89 8.78 26.93 -6.38
N LYS A 90 8.03 26.97 -7.47
CA LYS A 90 7.07 25.92 -7.79
C LYS A 90 7.44 25.15 -9.03
N VAL A 91 8.54 25.48 -9.67
CA VAL A 91 9.03 24.71 -10.80
C VAL A 91 10.51 24.46 -10.56
N LEU A 92 10.92 23.19 -10.65
CA LEU A 92 12.30 22.80 -10.41
C LEU A 92 13.04 22.62 -11.74
N PRO A 93 14.17 23.33 -11.98
CA PRO A 93 14.77 23.34 -13.34
C PRO A 93 15.19 21.97 -13.87
N ARG A 94 14.90 21.75 -15.15
CA ARG A 94 15.21 20.49 -15.82
C ARG A 94 16.65 20.02 -15.58
N ASN A 95 17.60 20.96 -15.54
CA ASN A 95 19.00 20.54 -15.37
C ASN A 95 19.21 19.72 -14.10
N ILE A 96 18.27 19.80 -13.15
CA ILE A 96 18.35 19.07 -11.90
C ILE A 96 17.20 18.09 -11.76
N ALA A 97 15.96 18.50 -12.11
CA ALA A 97 14.80 17.63 -11.96
C ALA A 97 14.92 16.35 -12.80
N VAL A 98 15.52 16.44 -13.98
CA VAL A 98 15.54 15.30 -14.89
C VAL A 98 16.47 14.26 -14.30
N PRO A 99 17.75 14.55 -14.00
CA PRO A 99 18.56 13.51 -13.35
C PRO A 99 17.96 13.04 -12.03
N TYR A 100 17.35 13.95 -11.26
CA TYR A 100 16.74 13.56 -10.00
C TYR A 100 15.67 12.50 -10.24
N CYS A 101 14.74 12.77 -11.15
CA CYS A 101 13.64 11.83 -11.39
C CYS A 101 14.11 10.51 -11.98
N GLN A 102 15.15 10.54 -12.80
CA GLN A 102 15.67 9.31 -13.39
C GLN A 102 16.42 8.48 -12.35
N LEU A 103 17.21 9.14 -11.51
CA LEU A 103 17.85 8.47 -10.41
C LEU A 103 16.82 7.99 -9.41
N SER A 104 15.68 8.69 -9.32
CA SER A 104 14.64 8.32 -8.36
C SER A 104 13.88 7.09 -8.83
N LYS A 105 13.34 7.14 -10.05
CA LYS A 105 12.59 6.01 -10.62
C LYS A 105 13.42 4.73 -10.65
N LYS A 106 14.73 4.84 -10.84
CA LYS A 106 15.64 3.70 -10.83
C LYS A 106 15.77 3.09 -9.45
N LEU A 107 15.74 3.91 -8.39
CA LEU A 107 15.85 3.40 -7.04
C LEU A 107 14.46 3.18 -6.42
N GLU A 108 13.40 3.49 -7.18
CA GLU A 108 12.01 3.27 -6.74
C GLU A 108 11.66 4.06 -5.47
N LEU A 109 12.00 5.34 -5.47
CA LEU A 109 11.61 6.32 -4.47
C LEU A 109 11.10 7.56 -5.17
N PRO A 110 10.22 8.30 -4.52
CA PRO A 110 9.73 9.57 -5.09
C PRO A 110 10.85 10.61 -5.13
N PRO A 111 10.75 11.62 -6.07
CA PRO A 111 11.77 12.70 -6.20
C PRO A 111 11.50 13.81 -5.18
N ILE A 112 11.94 13.51 -3.96
CA ILE A 112 11.77 14.34 -2.79
C ILE A 112 12.63 13.68 -1.74
N LEU A 113 13.24 14.49 -0.89
CA LEU A 113 14.02 13.94 0.20
C LEU A 113 13.13 13.06 1.10
N VAL A 114 13.60 11.87 1.44
CA VAL A 114 12.87 10.99 2.37
C VAL A 114 13.77 10.58 3.53
N TYR A 115 13.14 10.02 4.57
CA TYR A 115 13.87 9.53 5.74
C TYR A 115 15.09 8.70 5.35
N ALA A 116 14.91 7.75 4.43
CA ALA A 116 16.04 6.92 3.97
C ALA A 116 17.19 7.71 3.35
N ASP A 117 16.93 8.93 2.84
CA ASP A 117 18.00 9.82 2.39
C ASP A 117 18.67 10.49 3.58
N CYS A 118 17.92 11.37 4.27
CA CYS A 118 18.49 12.34 5.20
C CYS A 118 18.77 11.78 6.61
N VAL A 119 18.41 10.53 6.88
CA VAL A 119 18.79 9.82 8.10
C VAL A 119 19.55 8.55 7.70
N LEU A 120 18.93 7.67 6.89
CA LEU A 120 19.57 6.36 6.75
C LEU A 120 20.87 6.39 5.93
N ALA A 121 21.10 7.45 5.10
CA ALA A 121 22.26 7.52 4.22
C ALA A 121 23.11 8.78 4.45
N ASN A 122 22.71 9.62 5.39
CA ASN A 122 23.31 10.94 5.65
C ASN A 122 24.26 10.88 6.83
N TRP A 123 25.20 9.95 6.81
CA TRP A 123 26.09 9.80 7.93
C TRP A 123 27.43 9.22 7.49
N LYS A 124 28.43 9.37 8.37
CA LYS A 124 29.76 8.76 8.23
C LYS A 124 30.34 8.52 9.62
N LYS A 125 31.23 7.54 9.69
CA LYS A 125 32.14 7.41 10.83
C LYS A 125 33.34 8.35 10.69
N LYS A 126 33.67 9.05 11.76
CA LYS A 126 34.86 9.90 11.79
C LYS A 126 36.11 9.02 11.68
N ASP A 127 36.31 8.19 12.69
CA ASP A 127 37.36 7.19 12.70
C ASP A 127 36.72 5.83 12.49
N PRO A 128 37.05 5.10 11.42
CA PRO A 128 36.40 3.82 11.15
C PRO A 128 36.73 2.73 12.14
N ASN A 129 37.78 2.89 12.94
CA ASN A 129 38.14 1.87 13.93
C ASN A 129 37.47 2.08 15.28
N LYS A 130 36.56 3.03 15.38
CA LYS A 130 35.80 3.31 16.59
C LYS A 130 34.31 3.11 16.31
N PRO A 131 33.51 2.83 17.33
CA PRO A 131 32.13 2.37 17.07
C PRO A 131 31.14 3.49 16.76
N LEU A 132 29.89 3.07 16.57
CA LEU A 132 28.80 3.94 16.14
C LEU A 132 28.29 4.72 17.33
N THR A 133 29.01 5.78 17.66
CA THR A 133 28.62 6.71 18.70
C THR A 133 28.52 8.12 18.11
N TYR A 134 27.75 8.95 18.81
CA TYR A 134 27.54 10.30 18.34
C TYR A 134 28.86 11.02 18.15
N GLU A 135 29.82 10.74 19.02
CA GLU A 135 31.07 11.47 18.94
C GLU A 135 31.91 10.98 17.78
N ASN A 136 31.75 9.71 17.38
CA ASN A 136 32.41 9.16 16.21
C ASN A 136 31.63 9.39 14.89
N MET A 137 30.60 10.24 14.88
CA MET A 137 29.73 10.30 13.71
C MET A 137 29.42 11.75 13.36
N ASP A 138 29.08 11.95 12.10
CA ASP A 138 28.72 13.26 11.59
C ASP A 138 27.73 13.01 10.47
N VAL A 139 27.01 14.04 10.05
CA VAL A 139 26.12 13.91 8.91
C VAL A 139 26.88 14.36 7.67
N LEU A 140 26.34 14.10 6.48
CA LEU A 140 27.00 14.57 5.27
C LEU A 140 26.50 15.91 4.81
N PHE A 141 25.22 16.23 5.06
CA PHE A 141 24.65 17.48 4.58
C PHE A 141 23.81 18.16 5.65
N SER A 142 23.74 19.49 5.53
CA SER A 142 22.85 20.35 6.31
C SER A 142 22.21 21.40 5.41
N PHE A 143 21.22 22.09 5.97
CA PHE A 143 20.57 23.18 5.23
C PHE A 143 21.03 24.58 5.67
N ARG A 144 21.08 24.84 6.98
CA ARG A 144 21.41 26.17 7.47
C ARG A 144 22.35 26.04 8.65
N ASP A 145 23.23 27.04 8.81
CA ASP A 145 23.97 27.19 10.06
C ASP A 145 22.97 27.26 11.19
N GLY A 146 23.15 26.39 12.18
CA GLY A 146 22.26 26.40 13.32
C GLY A 146 20.97 25.62 13.20
N ASP A 147 20.78 24.85 12.15
CA ASP A 147 19.50 24.16 11.99
C ASP A 147 19.42 22.87 12.81
N CYS A 148 20.50 22.49 13.52
CA CYS A 148 20.58 21.27 14.32
C CYS A 148 20.38 19.99 13.50
N SER A 149 20.66 20.03 12.19
CA SER A 149 20.43 18.87 11.36
C SER A 149 21.32 17.71 11.75
N LYS A 150 22.54 17.98 12.18
CA LYS A 150 23.37 16.88 12.63
C LYS A 150 22.77 16.23 13.88
N GLY A 151 22.26 17.04 14.80
CA GLY A 151 21.65 16.48 15.99
C GLY A 151 20.43 15.65 15.66
N PHE A 152 19.54 16.24 14.86
CA PHE A 152 18.25 15.60 14.60
C PHE A 152 18.44 14.31 13.82
N PHE A 153 19.16 14.38 12.70
CA PHE A 153 19.36 13.20 11.86
C PHE A 153 20.14 12.11 12.59
N LEU A 154 21.22 12.49 13.31
CA LEU A 154 22.06 11.45 13.92
C LEU A 154 21.36 10.76 15.07
N VAL A 155 20.68 11.53 15.92
CA VAL A 155 19.95 10.92 17.02
C VAL A 155 18.87 10.03 16.46
N SER A 156 18.20 10.47 15.38
CA SER A 156 17.20 9.60 14.72
C SER A 156 17.82 8.26 14.30
N LEU A 157 18.99 8.32 13.70
CA LEU A 157 19.67 7.13 13.21
C LEU A 157 20.11 6.24 14.35
N LEU A 158 20.68 6.84 15.40
CA LEU A 158 21.19 6.05 16.51
C LEU A 158 20.05 5.29 17.19
N VAL A 159 18.86 5.90 17.27
CA VAL A 159 17.68 5.20 17.74
C VAL A 159 17.30 4.09 16.78
N GLU A 160 17.23 4.40 15.47
CA GLU A 160 17.05 3.35 14.47
C GLU A 160 17.97 2.17 14.72
N ILE A 161 19.27 2.42 14.82
CA ILE A 161 20.26 1.34 14.95
C ILE A 161 20.04 0.58 16.25
N ALA A 162 19.68 1.27 17.33
CA ALA A 162 19.36 0.58 18.58
C ALA A 162 18.19 -0.35 18.38
N ALA A 163 17.09 0.16 17.82
CA ALA A 163 15.93 -0.66 17.56
C ALA A 163 16.25 -1.75 16.53
N ALA A 164 17.18 -1.44 15.64
CA ALA A 164 17.57 -2.38 14.60
C ALA A 164 18.10 -3.68 15.16
N SER A 165 18.62 -3.66 16.37
CA SER A 165 19.18 -4.85 16.98
C SER A 165 18.14 -5.92 17.23
N ALA A 166 16.86 -5.55 17.25
CA ALA A 166 15.82 -6.55 17.44
C ALA A 166 15.43 -7.25 16.14
N ILE A 167 15.78 -6.68 14.98
CA ILE A 167 15.36 -7.25 13.70
C ILE A 167 15.88 -8.68 13.52
N LYS A 168 17.09 -8.97 14.00
CA LYS A 168 17.63 -10.33 13.82
C LYS A 168 16.92 -11.36 14.70
N VAL A 169 16.08 -10.92 15.61
CA VAL A 169 15.29 -11.85 16.40
C VAL A 169 13.97 -12.24 15.74
N ILE A 170 13.51 -11.49 14.74
CA ILE A 170 12.25 -11.84 14.08
C ILE A 170 12.26 -13.25 13.49
N PRO A 171 13.30 -13.70 12.81
CA PRO A 171 13.24 -15.09 12.31
C PRO A 171 13.07 -16.10 13.41
N THR A 172 13.77 -15.95 14.55
CA THR A 172 13.65 -16.92 15.64
C THR A 172 12.23 -16.94 16.21
N VAL A 173 11.59 -15.77 16.34
CA VAL A 173 10.18 -15.71 16.72
C VAL A 173 9.29 -16.53 15.79
N PHE A 174 9.56 -16.52 14.49
CA PHE A 174 8.61 -17.20 13.62
C PHE A 174 8.88 -18.69 13.57
N LYS A 175 10.15 -19.05 13.61
CA LYS A 175 10.51 -20.46 13.71
C LYS A 175 10.06 -21.05 15.04
N ALA A 176 10.26 -20.32 16.15
CA ALA A 176 9.79 -20.82 17.44
C ALA A 176 8.29 -21.08 17.42
N MET A 177 7.51 -20.11 16.93
CA MET A 177 6.07 -20.38 16.78
C MET A 177 5.84 -21.62 15.93
N GLN A 178 6.50 -21.70 14.76
CA GLN A 178 6.22 -22.81 13.85
C GLN A 178 6.55 -24.16 14.51
N MET A 179 7.77 -24.30 15.06
CA MET A 179 8.23 -25.55 15.67
C MET A 179 7.88 -25.63 17.17
N GLN A 180 6.89 -24.86 17.60
CA GLN A 180 6.31 -24.92 18.95
C GLN A 180 7.36 -24.92 20.05
N GLU A 181 8.35 -24.03 19.95
CA GLU A 181 9.39 -23.89 20.97
C GLU A 181 9.00 -22.76 21.92
N ARG A 182 8.11 -23.08 22.87
CA ARG A 182 7.54 -22.07 23.76
C ARG A 182 8.61 -21.25 24.49
N ASP A 183 9.61 -21.91 25.06
CA ASP A 183 10.60 -21.16 25.84
C ASP A 183 11.50 -20.30 24.96
N THR A 184 11.81 -20.78 23.75
CA THR A 184 12.59 -19.99 22.78
C THR A 184 11.81 -18.73 22.38
N LEU A 185 10.54 -18.88 22.00
CA LEU A 185 9.70 -17.73 21.73
C LEU A 185 9.79 -16.71 22.86
N LEU A 186 9.54 -17.16 24.09
CA LEU A 186 9.54 -16.24 25.23
C LEU A 186 10.87 -15.50 25.36
N LYS A 187 11.98 -16.22 25.19
CA LYS A 187 13.28 -15.57 25.28
C LYS A 187 13.45 -14.53 24.18
N ALA A 188 13.01 -14.86 22.97
CA ALA A 188 13.08 -13.94 21.85
C ALA A 188 12.26 -12.68 22.10
N LEU A 189 11.02 -12.81 22.63
CA LEU A 189 10.21 -11.62 22.86
C LEU A 189 10.84 -10.71 23.90
N LEU A 190 11.49 -11.29 24.92
CA LEU A 190 12.11 -10.42 25.93
C LEU A 190 13.36 -9.75 25.38
N GLU A 191 14.07 -10.40 24.48
CA GLU A 191 15.23 -9.77 23.86
C GLU A 191 14.80 -8.61 22.99
N ILE A 192 13.69 -8.77 22.27
CA ILE A 192 13.16 -7.68 21.46
C ILE A 192 12.78 -6.52 22.35
N ALA A 193 12.04 -6.82 23.44
CA ALA A 193 11.68 -5.78 24.40
C ALA A 193 12.94 -5.06 24.89
N SER A 194 13.93 -5.82 25.32
CA SER A 194 15.21 -5.23 25.73
C SER A 194 15.78 -4.27 24.68
N CYS A 195 15.68 -4.64 23.40
CA CYS A 195 16.20 -3.77 22.36
C CYS A 195 15.40 -2.46 22.23
N LEU A 196 14.07 -2.54 22.28
CA LEU A 196 13.26 -1.33 22.23
C LEU A 196 13.38 -0.53 23.50
N GLU A 197 13.84 -1.14 24.58
CA GLU A 197 14.11 -0.38 25.79
C GLU A 197 15.38 0.48 25.66
N LYS A 198 16.46 -0.06 25.07
CA LYS A 198 17.65 0.74 24.78
C LYS A 198 17.37 1.85 23.78
N ALA A 199 16.59 1.58 22.74
CA ALA A 199 16.21 2.63 21.81
C ALA A 199 15.67 3.85 22.54
N LEU A 200 14.82 3.66 23.55
CA LEU A 200 14.34 4.79 24.35
C LEU A 200 15.50 5.56 25.00
N GLN A 201 16.41 4.84 25.65
CA GLN A 201 17.55 5.48 26.32
C GLN A 201 18.42 6.28 25.35
N VAL A 202 18.65 5.73 24.15
CA VAL A 202 19.37 6.48 23.11
C VAL A 202 18.66 7.79 22.78
N PHE A 203 17.36 7.75 22.50
CA PHE A 203 16.52 8.93 22.24
C PHE A 203 16.78 10.07 23.22
N HIS A 204 17.19 9.77 24.47
CA HIS A 204 17.44 10.85 25.45
C HIS A 204 18.49 11.88 24.97
N GLN A 205 19.44 11.49 24.12
CA GLN A 205 20.46 12.40 23.63
C GLN A 205 19.92 13.57 22.81
N ILE A 206 18.65 13.54 22.41
CA ILE A 206 18.14 14.54 21.47
C ILE A 206 18.32 15.94 22.06
N HIS A 207 18.16 16.03 23.38
CA HIS A 207 18.14 17.33 24.06
C HIS A 207 19.51 18.01 24.01
N ASP A 208 20.60 17.26 24.04
CA ASP A 208 21.91 17.88 23.95
C ASP A 208 22.27 18.37 22.55
N HIS A 209 21.60 17.89 21.52
CA HIS A 209 22.04 18.18 20.17
C HIS A 209 21.00 18.86 19.32
N VAL A 210 19.76 19.03 19.81
CA VAL A 210 18.73 19.75 19.08
C VAL A 210 18.15 20.78 20.01
N ASN A 211 17.95 22.05 19.49
CA ASN A 211 17.20 23.02 20.29
C ASN A 211 15.88 23.43 19.62
N PRO A 212 14.88 23.77 20.45
CA PRO A 212 13.53 23.91 19.93
C PRO A 212 13.40 25.01 18.90
N LYS A 213 14.03 26.14 19.15
CA LYS A 213 13.87 27.24 18.23
C LYS A 213 14.40 26.84 16.85
N ALA A 214 15.61 26.25 16.79
CA ALA A 214 16.16 25.81 15.52
C ALA A 214 15.28 24.75 14.85
N PHE A 215 14.78 23.75 15.60
CA PHE A 215 13.99 22.71 14.92
C PHE A 215 12.70 23.31 14.36
N PHE A 216 11.97 24.04 15.19
CA PHE A 216 10.68 24.53 14.77
C PHE A 216 10.80 25.60 13.71
N SER A 217 11.73 26.54 13.85
CA SER A 217 11.75 27.68 12.93
C SER A 217 12.65 27.47 11.70
N VAL A 218 13.56 26.51 11.71
CA VAL A 218 14.44 26.30 10.57
C VAL A 218 14.32 24.90 10.01
N LEU A 219 14.73 23.88 10.76
CA LEU A 219 14.85 22.55 10.18
C LEU A 219 13.53 22.06 9.60
N ARG A 220 12.43 22.38 10.27
CA ARG A 220 11.15 21.82 9.83
C ARG A 220 10.72 22.40 8.50
N ILE A 221 11.15 23.63 8.21
CA ILE A 221 10.82 24.24 6.92
C ILE A 221 11.39 23.38 5.78
N TYR A 222 12.67 22.99 5.88
CA TYR A 222 13.38 22.28 4.83
C TYR A 222 13.02 20.80 4.77
N LEU A 223 12.39 20.25 5.82
CA LEU A 223 11.88 18.88 5.75
C LEU A 223 10.46 18.82 5.22
N SER A 224 9.83 19.97 5.00
CA SER A 224 8.45 19.99 4.55
C SER A 224 8.36 19.59 3.08
N GLY A 225 7.22 18.98 2.73
CA GLY A 225 6.96 18.60 1.37
C GLY A 225 5.90 19.44 0.67
N TRP A 226 5.42 18.91 -0.45
CA TRP A 226 4.43 19.59 -1.27
C TRP A 226 3.28 18.64 -1.55
N LYS A 227 2.65 18.18 -0.48
CA LYS A 227 1.45 17.37 -0.58
C LYS A 227 0.43 17.91 0.41
N GLY A 228 -0.67 18.44 -0.10
CA GLY A 228 -1.55 19.16 0.76
C GLY A 228 -0.88 20.37 1.38
N ASN A 229 0.06 20.98 0.65
CA ASN A 229 0.73 22.16 1.20
C ASN A 229 0.18 23.41 0.55
N PRO A 230 -0.42 24.32 1.32
CA PRO A 230 -0.98 25.55 0.73
C PRO A 230 0.04 26.36 -0.07
N GLN A 231 1.31 26.36 0.35
CA GLN A 231 2.34 27.11 -0.34
C GLN A 231 2.66 26.53 -1.70
N LEU A 232 2.26 25.28 -1.96
CA LEU A 232 2.34 24.63 -3.27
C LEU A 232 1.11 23.74 -3.49
N SER A 233 -0.07 24.36 -3.44
CA SER A 233 -1.35 23.65 -3.42
C SER A 233 -1.47 22.54 -4.47
N ASP A 234 -0.71 22.62 -5.56
CA ASP A 234 -0.76 21.66 -6.67
C ASP A 234 0.48 20.79 -6.83
N GLY A 235 1.50 20.96 -6.00
CA GLY A 235 2.69 20.17 -6.16
C GLY A 235 3.79 20.94 -6.87
N LEU A 236 4.78 20.19 -7.35
CA LEU A 236 6.04 20.74 -7.84
C LEU A 236 6.25 20.29 -9.29
N VAL A 237 6.37 21.24 -10.19
CA VAL A 237 6.68 20.91 -11.58
C VAL A 237 8.10 20.38 -11.64
N TYR A 238 8.23 19.13 -12.04
CA TYR A 238 9.54 18.54 -12.32
C TYR A 238 9.79 18.78 -13.81
N GLU A 239 10.49 19.86 -14.12
CA GLU A 239 10.65 20.33 -15.49
C GLU A 239 11.46 19.35 -16.34
N GLY A 240 10.91 18.98 -17.51
CA GLY A 240 11.58 18.08 -18.43
C GLY A 240 11.23 16.61 -18.23
N PHE A 241 10.42 16.32 -17.24
CA PHE A 241 10.13 14.94 -16.85
C PHE A 241 8.65 14.67 -16.75
N TRP A 242 7.88 15.60 -16.21
CA TRP A 242 6.44 15.43 -16.05
C TRP A 242 5.79 16.74 -16.43
N GLU A 243 4.60 16.60 -16.96
CA GLU A 243 3.93 17.71 -17.60
C GLU A 243 3.33 18.62 -16.55
N ASP A 244 2.42 18.07 -15.78
CA ASP A 244 1.73 18.63 -14.63
C ASP A 244 2.57 18.44 -13.37
N PRO A 245 2.40 19.31 -12.39
CA PRO A 245 3.12 19.16 -11.13
C PRO A 245 2.60 17.98 -10.34
N LYS A 246 3.46 17.46 -9.48
CA LYS A 246 3.15 16.30 -8.67
C LYS A 246 3.25 16.63 -7.18
N GLU A 247 2.41 15.97 -6.39
CA GLU A 247 2.43 16.05 -4.94
C GLU A 247 3.18 14.86 -4.32
N PHE A 248 4.25 15.15 -3.58
CA PHE A 248 4.90 14.17 -2.72
C PHE A 248 5.05 14.78 -1.32
N ALA A 249 4.85 13.93 -0.31
CA ALA A 249 4.90 14.29 1.09
C ALA A 249 6.34 14.47 1.56
N GLY A 250 6.49 15.24 2.66
CA GLY A 250 7.80 15.51 3.24
C GLY A 250 8.35 14.37 4.06
N GLY A 251 9.63 14.51 4.44
CA GLY A 251 10.27 13.50 5.28
C GLY A 251 9.52 13.30 6.60
N SER A 252 9.48 12.04 7.04
CA SER A 252 8.83 11.66 8.29
C SER A 252 9.43 10.36 8.84
N ALA A 253 9.57 10.28 10.15
CA ALA A 253 9.86 8.97 10.75
C ALA A 253 8.72 7.95 10.55
N GLY A 254 7.53 8.41 10.15
CA GLY A 254 6.55 7.48 9.60
C GLY A 254 7.11 6.64 8.47
N GLN A 255 8.15 7.16 7.76
CA GLN A 255 8.83 6.40 6.72
C GLN A 255 9.90 5.46 7.27
N SER A 256 10.06 5.35 8.59
CA SER A 256 11.04 4.41 9.12
C SER A 256 10.48 3.00 9.07
N SER A 257 11.32 2.06 8.66
CA SER A 257 10.86 0.67 8.60
C SER A 257 10.97 -0.08 9.93
N VAL A 258 11.81 0.36 10.89
CA VAL A 258 11.95 -0.41 12.14
C VAL A 258 10.68 -0.33 12.93
N PHE A 259 10.19 0.87 13.15
CA PHE A 259 9.03 0.98 14.02
C PHE A 259 7.80 0.39 13.36
N GLN A 260 7.65 0.61 12.06
CA GLN A 260 6.50 0.03 11.41
C GLN A 260 6.55 -1.49 11.48
N CYS A 261 7.75 -2.07 11.49
CA CYS A 261 7.86 -3.51 11.42
C CYS A 261 7.61 -4.16 12.78
N PHE A 262 7.79 -3.43 13.90
CA PHE A 262 7.42 -4.01 15.19
C PHE A 262 5.94 -3.88 15.44
N ASP A 263 5.30 -2.84 14.92
CA ASP A 263 3.85 -2.81 14.93
C ASP A 263 3.28 -4.00 14.16
N VAL A 264 3.90 -4.35 13.03
CA VAL A 264 3.42 -5.49 12.28
C VAL A 264 3.67 -6.79 13.05
N LEU A 265 4.93 -7.03 13.38
CA LEU A 265 5.33 -8.20 14.14
C LEU A 265 4.38 -8.53 15.27
N LEU A 266 3.99 -7.51 16.04
CA LEU A 266 3.20 -7.67 17.25
C LEU A 266 1.70 -7.54 17.01
N GLY A 267 1.28 -7.40 15.76
CA GLY A 267 -0.13 -7.31 15.43
C GLY A 267 -0.83 -6.10 16.01
N ILE A 268 -0.10 -4.99 16.15
CA ILE A 268 -0.64 -3.67 16.51
C ILE A 268 -1.17 -3.06 15.22
N GLN A 269 -2.48 -3.11 14.98
CA GLN A 269 -2.96 -2.87 13.60
C GLN A 269 -2.90 -1.40 13.23
N GLN A 270 -1.68 -0.87 13.06
CA GLN A 270 -1.53 0.55 12.75
C GLN A 270 -2.15 0.91 11.40
N THR A 271 -2.01 0.02 10.39
CA THR A 271 -2.44 0.31 9.02
C THR A 271 -3.81 -0.31 8.68
N ALA A 272 -4.56 -0.78 9.66
CA ALA A 272 -5.94 -1.17 9.42
C ALA A 272 -6.88 -0.06 9.86
N GLY A 273 -8.15 -0.18 9.44
CA GLY A 273 -9.22 0.70 9.92
C GLY A 273 -9.83 1.57 8.83
N GLY A 274 -8.95 2.08 7.96
CA GLY A 274 -9.32 3.08 6.97
C GLY A 274 -9.09 4.51 7.41
N GLY A 275 -8.83 4.75 8.72
CA GLY A 275 -8.71 6.09 9.27
C GLY A 275 -7.41 6.81 8.88
N HIS A 276 -7.34 8.08 9.30
CA HIS A 276 -6.24 8.94 8.85
C HIS A 276 -4.87 8.41 9.28
N ALA A 277 -4.75 8.01 10.54
CA ALA A 277 -3.50 7.50 11.04
C ALA A 277 -3.04 6.30 10.23
N ALA A 278 -3.92 5.35 10.00
CA ALA A 278 -3.50 4.15 9.28
C ALA A 278 -3.15 4.47 7.84
N GLN A 279 -3.97 5.29 7.19
CA GLN A 279 -3.72 5.59 5.79
C GLN A 279 -2.37 6.26 5.62
N PHE A 280 -2.00 7.16 6.55
CA PHE A 280 -0.73 7.89 6.48
C PHE A 280 0.44 6.93 6.56
N LEU A 281 0.40 6.00 7.54
CA LEU A 281 1.51 5.07 7.66
C LEU A 281 1.59 4.13 6.47
N GLN A 282 0.45 3.80 5.88
CA GLN A 282 0.47 3.01 4.66
C GLN A 282 1.11 3.77 3.49
N ASP A 283 0.61 4.99 3.22
CA ASP A 283 1.25 5.86 2.22
C ASP A 283 2.76 5.94 2.45
N MET A 284 3.19 6.20 3.71
CA MET A 284 4.64 6.36 3.94
C MET A 284 5.46 5.15 3.58
N ARG A 285 4.85 4.00 3.37
CA ARG A 285 5.63 2.83 2.92
C ARG A 285 6.14 2.98 1.51
N ARG A 286 5.51 3.83 0.68
CA ARG A 286 6.00 4.07 -0.68
C ARG A 286 7.19 5.00 -0.70
N TYR A 287 7.52 5.59 0.45
CA TYR A 287 8.66 6.47 0.60
C TYR A 287 9.84 5.73 1.17
N MET A 288 9.75 4.44 1.24
CA MET A 288 10.73 3.51 1.72
C MET A 288 11.41 2.83 0.56
N PRO A 289 12.64 2.40 0.77
CA PRO A 289 13.34 1.64 -0.27
C PRO A 289 12.59 0.35 -0.58
N PRO A 290 12.58 -0.07 -1.84
CA PRO A 290 11.67 -1.17 -2.21
C PRO A 290 11.89 -2.44 -1.40
N ALA A 291 13.14 -2.81 -1.11
CA ALA A 291 13.35 -4.03 -0.34
C ALA A 291 12.77 -3.93 1.06
N HIS A 292 12.85 -2.75 1.67
CA HIS A 292 12.30 -2.54 3.00
C HIS A 292 10.78 -2.55 3.00
N ARG A 293 10.18 -1.91 2.00
CA ARG A 293 8.74 -2.05 1.76
C ARG A 293 8.33 -3.53 1.63
N ASN A 294 9.16 -4.34 0.95
CA ASN A 294 8.86 -5.74 0.74
C ASN A 294 9.05 -6.53 2.02
N PHE A 295 10.06 -6.18 2.81
CA PHE A 295 10.21 -6.83 4.10
C PHE A 295 8.90 -6.74 4.89
N LEU A 296 8.28 -5.54 4.92
CA LEU A 296 7.13 -5.36 5.80
C LEU A 296 5.92 -6.15 5.32
N CYS A 297 5.66 -6.19 4.02
CA CYS A 297 4.49 -6.95 3.58
C CYS A 297 4.76 -8.44 3.77
N SER A 298 6.03 -8.85 3.67
CA SER A 298 6.43 -10.22 4.01
C SER A 298 6.19 -10.52 5.51
N LEU A 299 6.44 -9.59 6.43
CA LEU A 299 6.08 -9.84 7.83
C LEU A 299 4.59 -10.02 7.99
N GLU A 300 3.79 -9.22 7.28
CA GLU A 300 2.34 -9.34 7.37
C GLU A 300 1.84 -10.67 6.81
N SER A 301 2.63 -11.32 5.95
CA SER A 301 2.25 -12.59 5.36
C SER A 301 2.29 -13.72 6.36
N ASN A 302 2.99 -13.53 7.47
CA ASN A 302 3.34 -14.55 8.44
C ASN A 302 2.26 -14.70 9.49
N PRO A 303 2.27 -15.82 10.21
CA PRO A 303 1.26 -16.03 11.26
C PRO A 303 1.36 -14.96 12.32
N SER A 304 0.23 -14.62 12.88
CA SER A 304 0.17 -13.55 13.88
C SER A 304 0.82 -13.99 15.19
N VAL A 305 1.88 -13.28 15.59
CA VAL A 305 2.44 -13.41 16.93
C VAL A 305 1.40 -13.11 18.00
N ARG A 306 0.60 -12.08 17.79
CA ARG A 306 -0.40 -11.77 18.80
C ARG A 306 -1.41 -12.91 18.94
N GLU A 307 -1.93 -13.41 17.84
CA GLU A 307 -2.98 -14.43 17.94
C GLU A 307 -2.45 -15.72 18.55
N PHE A 308 -1.17 -16.02 18.31
CA PHE A 308 -0.56 -17.21 18.90
C PHE A 308 -0.44 -17.09 20.42
N VAL A 309 0.08 -15.96 20.89
CA VAL A 309 0.20 -15.72 22.33
C VAL A 309 -1.17 -15.71 22.97
N LEU A 310 -2.12 -14.99 22.36
CA LEU A 310 -3.46 -14.87 22.95
C LEU A 310 -4.10 -16.22 23.23
N SER A 311 -3.81 -17.21 22.40
CA SER A 311 -4.53 -18.47 22.38
C SER A 311 -3.87 -19.53 23.24
N LYS A 312 -2.90 -19.14 24.07
CA LYS A 312 -2.01 -20.11 24.67
C LYS A 312 -2.13 -20.23 26.18
N GLY A 313 -2.78 -19.28 26.87
CA GLY A 313 -3.08 -19.44 28.32
C GLY A 313 -1.83 -19.55 29.18
N ASP A 314 -0.82 -18.75 28.86
CA ASP A 314 0.53 -18.91 29.35
C ASP A 314 0.97 -17.53 29.84
N ALA A 315 0.93 -17.30 31.15
CA ALA A 315 1.18 -15.95 31.64
C ALA A 315 2.55 -15.47 31.22
N GLY A 316 3.57 -16.33 31.31
CA GLY A 316 4.92 -15.95 30.93
C GLY A 316 5.05 -15.46 29.49
N LEU A 317 4.39 -16.12 28.55
CA LEU A 317 4.40 -15.63 27.18
C LEU A 317 3.74 -14.28 27.06
N ARG A 318 2.60 -14.11 27.75
CA ARG A 318 1.86 -12.86 27.66
C ARG A 318 2.65 -11.71 28.25
N GLU A 319 3.32 -11.93 29.37
CA GLU A 319 4.15 -10.86 29.92
C GLU A 319 5.27 -10.49 28.97
N ALA A 320 5.82 -11.47 28.25
CA ALA A 320 6.90 -11.16 27.30
C ALA A 320 6.39 -10.40 26.09
N TYR A 321 5.30 -10.89 25.48
CA TYR A 321 4.61 -10.12 24.43
C TYR A 321 4.33 -8.70 24.89
N ASP A 322 3.86 -8.53 26.13
CA ASP A 322 3.49 -7.21 26.63
C ASP A 322 4.71 -6.38 26.94
N ALA A 323 5.82 -7.04 27.26
CA ALA A 323 7.05 -6.30 27.48
C ALA A 323 7.48 -5.56 26.21
N CYS A 324 7.23 -6.15 25.04
CA CYS A 324 7.51 -5.51 23.76
C CYS A 324 6.52 -4.39 23.46
N VAL A 325 5.21 -4.68 23.58
CA VAL A 325 4.20 -3.64 23.36
C VAL A 325 4.46 -2.46 24.27
N LYS A 326 4.68 -2.73 25.55
CA LYS A 326 4.94 -1.66 26.51
C LYS A 326 6.08 -0.78 26.07
N ALA A 327 7.17 -1.37 25.57
CA ALA A 327 8.32 -0.57 25.17
C ALA A 327 7.93 0.37 24.04
N LEU A 328 7.10 -0.07 23.09
CA LEU A 328 6.59 0.86 22.08
C LEU A 328 5.74 1.94 22.73
N VAL A 329 4.90 1.58 23.69
CA VAL A 329 4.14 2.62 24.37
C VAL A 329 5.08 3.63 25.01
N SER A 330 6.15 3.17 25.62
CA SER A 330 7.04 4.07 26.31
C SER A 330 7.75 4.99 25.34
N LEU A 331 8.35 4.40 24.29
CA LEU A 331 8.92 5.14 23.17
C LEU A 331 7.99 6.24 22.68
N ARG A 332 6.73 5.87 22.35
CA ARG A 332 5.80 6.81 21.76
C ARG A 332 5.38 7.89 22.73
N SER A 333 5.40 7.56 24.04
CA SER A 333 5.05 8.52 25.10
C SER A 333 6.16 9.53 25.28
N TYR A 334 7.40 9.04 25.33
CA TYR A 334 8.54 9.94 25.33
C TYR A 334 8.49 10.89 24.13
N HIS A 335 8.24 10.34 22.94
CA HIS A 335 8.12 11.12 21.71
C HIS A 335 7.08 12.22 21.82
N LEU A 336 5.96 11.96 22.49
CA LEU A 336 4.98 13.02 22.64
C LEU A 336 5.53 14.15 23.49
N GLN A 337 6.34 13.81 24.50
CA GLN A 337 6.97 14.85 25.30
C GLN A 337 7.90 15.66 24.43
N ILE A 338 8.70 14.99 23.61
CA ILE A 338 9.66 15.68 22.76
C ILE A 338 8.95 16.54 21.73
N VAL A 339 7.80 16.08 21.21
CA VAL A 339 7.03 16.90 20.30
C VAL A 339 6.46 18.13 21.01
N THR A 340 6.18 18.04 22.31
CA THR A 340 5.73 19.25 23.03
C THR A 340 6.86 20.27 23.12
N LYS A 341 8.07 19.80 23.43
CA LYS A 341 9.16 20.73 23.60
C LYS A 341 9.57 21.36 22.26
N TYR A 342 9.62 20.59 21.18
CA TYR A 342 10.25 21.06 19.94
C TYR A 342 9.28 21.60 18.89
N ILE A 343 7.97 21.44 19.10
CA ILE A 343 7.01 21.96 18.14
C ILE A 343 5.98 22.81 18.86
N LEU A 344 5.36 22.23 19.87
CA LEU A 344 4.16 22.81 20.43
C LEU A 344 4.46 24.07 21.21
N ILE A 345 5.41 24.00 22.12
CA ILE A 345 5.83 25.17 22.89
C ILE A 345 6.34 26.27 21.95
N PRO A 346 7.32 26.02 21.07
CA PRO A 346 7.80 27.08 20.18
C PRO A 346 6.70 27.73 19.37
N ALA A 347 5.75 26.93 18.90
CA ALA A 347 4.64 27.43 18.11
C ALA A 347 3.76 28.43 18.87
N SER A 348 3.84 28.49 20.19
CA SER A 348 3.08 29.47 20.95
C SER A 348 3.92 30.68 21.33
N GLN A 349 4.87 31.06 20.48
CA GLN A 349 5.82 32.15 20.79
C GLN A 349 6.34 32.89 19.55
N THR A 371 -3.19 20.05 17.62
CA THR A 371 -2.95 20.01 16.18
C THR A 371 -3.43 18.65 15.64
N ASP A 372 -3.42 18.51 14.30
CA ASP A 372 -3.46 17.21 13.65
C ASP A 372 -2.20 16.39 13.98
N LEU A 373 -1.07 17.05 14.25
CA LEU A 373 0.12 16.36 14.72
C LEU A 373 -0.18 15.57 15.97
N MET A 374 -0.67 16.27 17.00
CA MET A 374 -0.86 15.62 18.30
C MET A 374 -1.88 14.50 18.22
N ASN A 375 -2.95 14.70 17.43
CA ASN A 375 -3.99 13.70 17.34
C ASN A 375 -3.50 12.46 16.60
N PHE A 376 -2.65 12.64 15.59
CA PHE A 376 -2.05 11.49 14.92
C PHE A 376 -1.19 10.68 15.88
N LEU A 377 -0.29 11.35 16.58
CA LEU A 377 0.63 10.62 17.44
C LEU A 377 -0.12 9.91 18.56
N LYS A 378 -1.18 10.56 19.07
CA LYS A 378 -1.92 10.03 20.22
C LYS A 378 -2.82 8.87 19.82
N THR A 379 -3.29 8.87 18.57
CA THR A 379 -3.98 7.72 17.99
C THR A 379 -3.06 6.52 17.80
N VAL A 380 -1.83 6.72 17.31
CA VAL A 380 -0.87 5.63 17.18
C VAL A 380 -0.52 5.06 18.56
N ARG A 381 -0.32 5.93 19.54
CA ARG A 381 0.05 5.53 20.89
C ARG A 381 -1.12 4.81 21.58
N SER A 382 -2.33 5.28 21.39
CA SER A 382 -3.52 4.58 21.87
C SER A 382 -3.63 3.18 21.28
N THR A 383 -3.57 3.06 19.95
CA THR A 383 -3.62 1.75 19.32
C THR A 383 -2.56 0.82 19.88
N THR A 384 -1.40 1.36 20.25
CA THR A 384 -0.34 0.54 20.82
C THR A 384 -0.71 0.09 22.22
N GLU A 385 -1.17 1.03 23.06
CA GLU A 385 -1.46 0.74 24.46
C GLU A 385 -2.62 -0.25 24.59
N LYS A 386 -3.60 -0.10 23.74
CA LYS A 386 -4.74 -0.98 23.70
C LYS A 386 -4.44 -2.32 23.09
N SER A 387 -3.24 -2.53 22.57
CA SER A 387 -2.81 -3.87 22.18
C SER A 387 -2.28 -4.69 23.38
N LEU A 388 -1.99 -4.05 24.52
CA LEU A 388 -1.51 -4.80 25.68
C LEU A 388 -2.53 -5.85 26.07
N LEU A 389 -2.05 -6.97 26.59
CA LEU A 389 -2.97 -7.95 27.14
C LEU A 389 -3.25 -7.66 28.62
N LYS A 390 -2.19 -7.31 29.35
CA LYS A 390 -2.17 -6.90 30.76
C LYS A 390 -2.72 -7.92 31.74
N SER B 1 -0.51 -22.64 -5.70
CA SER B 1 -0.43 -23.41 -4.46
C SER B 1 -1.68 -23.18 -3.61
N LYS B 2 -1.68 -23.81 -2.42
CA LYS B 2 -2.77 -23.71 -1.46
C LYS B 2 -2.49 -22.74 -0.30
N GLU B 3 -1.25 -22.24 -0.18
CA GLU B 3 -0.92 -21.20 0.80
C GLU B 3 -1.43 -19.83 0.34
N TYR B 4 -1.45 -19.61 -0.97
CA TYR B 4 -1.95 -18.39 -1.56
C TYR B 4 -3.40 -18.53 -2.04
N HIS B 5 -4.00 -19.70 -1.84
CA HIS B 5 -5.38 -19.98 -2.25
C HIS B 5 -5.57 -19.59 -3.71
N ILE B 6 -4.76 -20.19 -4.56
CA ILE B 6 -4.86 -20.07 -6.01
C ILE B 6 -5.25 -21.43 -6.55
N ASP B 7 -6.32 -21.45 -7.33
CA ASP B 7 -6.80 -22.65 -7.95
C ASP B 7 -6.19 -22.82 -9.34
N GLU B 8 -5.83 -24.07 -9.69
CA GLU B 8 -5.22 -24.28 -11.01
C GLU B 8 -6.18 -23.97 -12.16
N GLU B 9 -7.49 -24.00 -11.91
CA GLU B 9 -8.54 -23.87 -12.93
C GLU B 9 -9.16 -22.48 -13.01
N VAL B 10 -9.38 -21.83 -11.86
CA VAL B 10 -10.14 -20.58 -11.77
C VAL B 10 -9.32 -19.48 -11.12
N GLY B 11 -8.05 -19.74 -10.81
CA GLY B 11 -7.16 -18.67 -10.39
C GLY B 11 -7.51 -18.15 -9.02
N PHE B 12 -7.69 -16.83 -8.94
CA PHE B 12 -8.04 -16.24 -7.66
C PHE B 12 -9.51 -16.40 -7.30
N ALA B 13 -10.37 -16.79 -8.24
CA ALA B 13 -11.77 -17.03 -7.93
C ALA B 13 -11.92 -18.24 -7.02
N LEU B 14 -12.87 -18.15 -6.08
CA LEU B 14 -13.24 -19.25 -5.17
C LEU B 14 -13.75 -20.43 -5.99
N PRO B 15 -13.11 -21.60 -5.90
CA PRO B 15 -13.57 -22.74 -6.72
C PRO B 15 -14.80 -23.36 -6.08
N ASN B 16 -15.75 -23.77 -6.93
CA ASN B 16 -17.00 -24.42 -6.56
C ASN B 16 -17.58 -23.83 -5.28
N PRO B 17 -18.09 -22.60 -5.35
CA PRO B 17 -18.54 -21.92 -4.13
C PRO B 17 -19.81 -22.54 -3.54
N GLN B 18 -19.94 -22.39 -2.22
CA GLN B 18 -21.11 -22.88 -1.50
C GLN B 18 -22.34 -22.01 -1.75
N GLU B 19 -23.50 -22.67 -1.94
CA GLU B 19 -24.80 -21.99 -2.14
C GLU B 19 -25.64 -21.92 -0.88
N ASN B 20 -25.61 -22.98 -0.08
CA ASN B 20 -26.50 -23.14 1.05
C ASN B 20 -25.67 -23.02 2.30
N LEU B 21 -26.24 -22.40 3.30
CA LEU B 21 -25.61 -22.26 4.60
C LEU B 21 -26.19 -23.31 5.56
N PRO B 22 -25.81 -23.28 6.85
CA PRO B 22 -26.60 -24.04 7.84
C PRO B 22 -28.01 -23.48 7.97
N ASP B 23 -28.98 -24.36 8.23
CA ASP B 23 -30.32 -23.88 8.52
C ASP B 23 -30.34 -23.03 9.80
N PHE B 24 -29.25 -22.99 10.55
CA PHE B 24 -29.15 -21.96 11.56
C PHE B 24 -29.22 -20.53 10.99
N TYR B 25 -29.09 -20.35 9.67
CA TYR B 25 -28.92 -19.04 9.05
C TYR B 25 -30.00 -18.70 8.01
N ASN B 26 -31.16 -19.39 8.01
CA ASN B 26 -32.17 -19.12 6.97
C ASN B 26 -32.74 -17.71 7.05
N ASP B 27 -32.58 -17.05 8.22
CA ASP B 27 -33.04 -15.67 8.41
C ASP B 27 -32.19 -14.66 7.65
N TRP B 28 -30.96 -15.05 7.28
CA TRP B 28 -30.09 -14.38 6.35
C TRP B 28 -30.38 -14.78 4.91
N MET B 29 -30.43 -16.10 4.68
CA MET B 29 -30.57 -16.59 3.31
C MET B 29 -31.93 -16.27 2.75
N PHE B 30 -32.96 -16.15 3.59
CA PHE B 30 -34.27 -15.81 3.05
C PHE B 30 -34.25 -14.39 2.49
N ILE B 31 -33.71 -13.44 3.28
CA ILE B 31 -33.55 -12.06 2.80
C ILE B 31 -32.71 -12.03 1.53
N ALA B 32 -31.46 -12.50 1.61
CA ALA B 32 -30.52 -12.40 0.47
C ALA B 32 -31.12 -12.99 -0.80
N LYS B 33 -31.79 -14.13 -0.69
CA LYS B 33 -32.33 -14.78 -1.88
C LYS B 33 -33.57 -14.08 -2.44
N HIS B 34 -34.11 -13.10 -1.74
CA HIS B 34 -35.32 -12.42 -2.17
C HIS B 34 -35.15 -10.91 -2.31
N LEU B 35 -33.92 -10.43 -2.48
CA LEU B 35 -33.73 -8.98 -2.51
C LEU B 35 -34.58 -8.31 -3.58
N PRO B 36 -34.71 -8.85 -4.81
CA PRO B 36 -35.59 -8.16 -5.77
C PRO B 36 -36.98 -7.91 -5.19
N ASP B 37 -37.67 -8.95 -4.69
CA ASP B 37 -39.03 -8.81 -4.12
C ASP B 37 -39.05 -7.91 -2.91
N LEU B 38 -38.19 -8.18 -1.92
CA LEU B 38 -38.17 -7.40 -0.68
C LEU B 38 -37.75 -5.94 -0.89
N ILE B 39 -36.88 -5.64 -1.88
CA ILE B 39 -36.52 -4.25 -2.14
C ILE B 39 -37.70 -3.51 -2.74
N GLU B 40 -38.25 -4.07 -3.82
CA GLU B 40 -39.29 -3.40 -4.59
C GLU B 40 -40.55 -3.11 -3.75
N SER B 41 -40.80 -3.93 -2.73
CA SER B 41 -42.01 -3.84 -1.93
C SER B 41 -41.82 -3.04 -0.65
N GLY B 42 -40.65 -2.43 -0.44
CA GLY B 42 -40.42 -1.68 0.77
C GLY B 42 -40.26 -2.53 2.02
N GLN B 43 -40.16 -3.84 1.88
CA GLN B 43 -40.08 -4.72 3.03
C GLN B 43 -38.65 -5.06 3.45
N LEU B 44 -37.65 -4.75 2.63
CA LEU B 44 -36.30 -5.21 2.94
C LEU B 44 -35.80 -4.56 4.23
N ARG B 45 -35.90 -3.24 4.31
CA ARG B 45 -35.39 -2.59 5.51
C ARG B 45 -36.05 -3.11 6.78
N GLU B 46 -37.32 -3.49 6.72
CA GLU B 46 -37.98 -3.96 7.94
C GLU B 46 -37.56 -5.40 8.26
N ARG B 47 -37.59 -6.31 7.26
CA ARG B 47 -37.13 -7.68 7.51
C ARG B 47 -35.74 -7.68 8.12
N VAL B 48 -34.94 -6.67 7.81
CA VAL B 48 -33.60 -6.57 8.38
C VAL B 48 -33.66 -6.07 9.82
N GLU B 49 -34.51 -5.08 10.10
CA GLU B 49 -34.56 -4.48 11.42
C GLU B 49 -35.10 -5.47 12.45
N LYS B 50 -35.89 -6.46 12.00
CA LYS B 50 -36.53 -7.48 12.84
C LYS B 50 -35.62 -8.66 13.12
N LEU B 51 -34.32 -8.55 12.83
CA LEU B 51 -33.46 -9.71 12.83
C LEU B 51 -32.85 -9.94 14.19
N ASN B 52 -32.54 -11.17 14.50
CA ASN B 52 -31.80 -11.46 15.71
C ASN B 52 -30.30 -11.50 15.43
N MET B 53 -29.53 -10.96 16.34
CA MET B 53 -28.07 -11.01 16.22
C MET B 53 -27.58 -12.45 16.28
N LEU B 54 -27.51 -13.14 15.14
CA LEU B 54 -26.95 -14.49 15.13
C LEU B 54 -25.45 -14.45 15.39
N SER B 55 -24.89 -15.62 15.68
CA SER B 55 -23.46 -15.73 15.93
C SER B 55 -22.78 -16.27 14.69
N ILE B 56 -21.50 -15.89 14.54
CA ILE B 56 -20.73 -16.34 13.37
C ILE B 56 -19.97 -17.62 13.67
N ASP B 57 -20.23 -18.20 14.86
CA ASP B 57 -19.51 -19.39 15.32
C ASP B 57 -19.98 -20.69 14.67
N HIS B 58 -21.14 -20.69 14.00
CA HIS B 58 -21.61 -21.87 13.29
C HIS B 58 -21.21 -21.84 11.83
N LEU B 59 -20.28 -20.94 11.48
CA LEU B 59 -19.63 -20.91 10.17
C LEU B 59 -18.27 -21.56 10.36
N THR B 60 -18.18 -22.83 9.92
CA THR B 60 -17.08 -23.74 10.24
C THR B 60 -15.92 -23.66 9.23
N ASP B 61 -16.21 -23.79 7.93
CA ASP B 61 -15.19 -23.85 6.89
C ASP B 61 -15.09 -22.49 6.18
N HIS B 62 -14.31 -22.45 5.10
CA HIS B 62 -14.06 -21.19 4.38
C HIS B 62 -15.18 -20.90 3.38
N LYS B 63 -15.63 -21.91 2.67
CA LYS B 63 -16.62 -21.67 1.63
C LYS B 63 -17.90 -21.10 2.22
N SER B 64 -18.17 -21.47 3.48
CA SER B 64 -19.37 -21.05 4.19
C SER B 64 -19.19 -19.65 4.75
N GLN B 65 -18.08 -19.41 5.46
CA GLN B 65 -17.75 -18.05 5.85
C GLN B 65 -17.76 -17.12 4.64
N ARG B 66 -17.52 -17.65 3.44
CA ARG B 66 -17.45 -16.80 2.26
C ARG B 66 -18.85 -16.53 1.70
N LEU B 67 -19.65 -17.58 1.53
CA LEU B 67 -21.06 -17.38 1.20
C LEU B 67 -21.72 -16.39 2.14
N ALA B 68 -21.37 -16.45 3.42
CA ALA B 68 -21.97 -15.57 4.42
C ALA B 68 -21.66 -14.09 4.18
N ARG B 69 -20.39 -13.78 3.91
CA ARG B 69 -19.98 -12.44 3.50
C ARG B 69 -20.73 -11.97 2.25
N LEU B 70 -20.86 -12.85 1.26
CA LEU B 70 -21.69 -12.56 0.09
C LEU B 70 -23.13 -12.24 0.48
N VAL B 71 -23.70 -13.04 1.38
CA VAL B 71 -25.08 -12.84 1.80
C VAL B 71 -25.23 -11.52 2.56
N LEU B 72 -24.39 -11.29 3.59
CA LEU B 72 -24.44 -10.07 4.39
C LEU B 72 -24.03 -8.83 3.60
N GLY B 73 -23.12 -8.96 2.63
CA GLY B 73 -22.74 -7.80 1.85
C GLY B 73 -23.84 -7.33 0.90
N CYS B 74 -24.52 -8.29 0.25
CA CYS B 74 -25.64 -7.94 -0.61
C CYS B 74 -26.77 -7.34 0.20
N ILE B 75 -27.02 -7.90 1.39
CA ILE B 75 -28.05 -7.35 2.25
C ILE B 75 -27.68 -5.93 2.64
N THR B 76 -26.45 -5.74 3.11
CA THR B 76 -26.00 -4.41 3.51
C THR B 76 -26.15 -3.38 2.38
N MET B 77 -25.93 -3.78 1.12
CA MET B 77 -26.12 -2.85 0.01
C MET B 77 -27.59 -2.53 -0.18
N ALA B 78 -28.44 -3.57 -0.14
CA ALA B 78 -29.89 -3.36 -0.28
C ALA B 78 -30.43 -2.47 0.83
N TYR B 79 -29.98 -2.68 2.06
CA TYR B 79 -30.44 -1.84 3.15
C TYR B 79 -30.01 -0.39 2.93
N VAL B 80 -28.71 -0.17 2.69
CA VAL B 80 -28.17 1.18 2.60
C VAL B 80 -28.81 1.95 1.45
N TRP B 81 -28.87 1.36 0.25
CA TRP B 81 -29.36 2.05 -0.94
C TRP B 81 -30.85 1.90 -1.16
N GLY B 82 -31.51 0.98 -0.46
CA GLY B 82 -32.95 0.85 -0.60
C GLY B 82 -33.37 0.53 -2.03
N LYS B 83 -34.38 1.25 -2.52
CA LYS B 83 -34.86 1.04 -3.89
C LYS B 83 -33.94 1.61 -4.94
N GLY B 84 -32.84 2.22 -4.50
CA GLY B 84 -31.80 2.71 -5.38
C GLY B 84 -32.09 4.05 -6.01
N HIS B 85 -32.69 4.97 -5.26
CA HIS B 85 -33.10 6.25 -5.82
C HIS B 85 -32.77 7.41 -4.90
N GLY B 86 -31.82 7.24 -3.97
CA GLY B 86 -31.33 8.35 -3.19
C GLY B 86 -31.79 8.38 -1.74
N ASP B 87 -32.80 7.60 -1.37
CA ASP B 87 -33.25 7.53 0.03
C ASP B 87 -32.34 6.56 0.77
N VAL B 88 -31.45 7.11 1.58
CA VAL B 88 -30.30 6.40 2.11
C VAL B 88 -30.43 6.18 3.62
N ARG B 89 -30.08 4.98 4.04
CA ARG B 89 -29.83 4.68 5.44
C ARG B 89 -28.39 5.04 5.79
N LYS B 90 -28.19 5.54 6.99
CA LYS B 90 -26.89 5.98 7.46
C LYS B 90 -26.36 5.11 8.59
N VAL B 91 -27.14 4.14 9.05
CA VAL B 91 -26.75 3.26 10.15
C VAL B 91 -27.26 1.87 9.86
N LEU B 92 -26.38 0.91 10.08
CA LEU B 92 -26.71 -0.48 9.87
C LEU B 92 -27.16 -1.11 11.19
N PRO B 93 -28.33 -1.78 11.22
CA PRO B 93 -28.82 -2.38 12.48
C PRO B 93 -27.83 -3.33 13.13
N ARG B 94 -27.67 -3.23 14.45
CA ARG B 94 -26.69 -4.04 15.17
C ARG B 94 -26.85 -5.54 14.89
N ASN B 95 -28.09 -6.04 14.90
CA ASN B 95 -28.34 -7.47 14.74
C ASN B 95 -27.78 -8.05 13.43
N ILE B 96 -27.38 -7.20 12.47
CA ILE B 96 -26.67 -7.62 11.26
C ILE B 96 -25.26 -7.03 11.19
N ALA B 97 -25.10 -5.76 11.60
CA ALA B 97 -23.80 -5.09 11.51
C ALA B 97 -22.70 -5.80 12.28
N VAL B 98 -23.05 -6.44 13.40
CA VAL B 98 -22.05 -7.00 14.31
C VAL B 98 -21.55 -8.32 13.73
N PRO B 99 -22.42 -9.30 13.41
CA PRO B 99 -21.92 -10.50 12.73
C PRO B 99 -21.15 -10.21 11.46
N TYR B 100 -21.60 -9.22 10.66
CA TYR B 100 -20.85 -8.77 9.49
C TYR B 100 -19.46 -8.30 9.88
N CYS B 101 -19.37 -7.27 10.73
CA CYS B 101 -18.06 -6.76 11.13
C CYS B 101 -17.20 -7.81 11.81
N GLN B 102 -17.83 -8.79 12.46
CA GLN B 102 -17.08 -9.85 13.14
C GLN B 102 -16.46 -10.81 12.14
N LEU B 103 -17.30 -11.48 11.35
CA LEU B 103 -16.86 -12.31 10.24
C LEU B 103 -15.82 -11.60 9.36
N SER B 104 -16.03 -10.31 9.09
CA SER B 104 -15.11 -9.57 8.24
C SER B 104 -13.72 -9.54 8.87
N LYS B 105 -13.62 -9.01 10.10
CA LYS B 105 -12.36 -9.06 10.84
C LYS B 105 -11.75 -10.46 10.82
N LYS B 106 -12.58 -11.50 10.94
CA LYS B 106 -12.12 -12.87 10.80
C LYS B 106 -11.35 -13.05 9.49
N LEU B 107 -12.00 -12.79 8.36
CA LEU B 107 -11.43 -13.06 7.05
C LEU B 107 -10.48 -11.96 6.58
N GLU B 108 -10.27 -10.93 7.40
CA GLU B 108 -9.36 -9.83 7.07
C GLU B 108 -9.83 -9.11 5.80
N LEU B 109 -11.13 -8.98 5.66
CA LEU B 109 -11.77 -8.16 4.66
C LEU B 109 -12.52 -7.03 5.33
N PRO B 110 -12.81 -5.95 4.60
CA PRO B 110 -13.59 -4.87 5.18
C PRO B 110 -15.07 -5.19 5.13
N PRO B 111 -15.86 -4.60 6.00
CA PRO B 111 -17.30 -4.96 6.09
C PRO B 111 -18.10 -4.24 5.00
N ILE B 112 -17.85 -4.63 3.76
CA ILE B 112 -18.60 -4.13 2.63
C ILE B 112 -18.53 -5.19 1.55
N LEU B 113 -19.52 -5.19 0.67
CA LEU B 113 -19.43 -6.03 -0.49
C LEU B 113 -18.20 -5.64 -1.33
N VAL B 114 -17.32 -6.62 -1.63
CA VAL B 114 -16.15 -6.41 -2.48
C VAL B 114 -16.14 -7.33 -3.69
N TYR B 115 -15.16 -7.15 -4.58
CA TYR B 115 -15.08 -7.96 -5.78
C TYR B 115 -15.11 -9.44 -5.44
N ALA B 116 -14.24 -9.84 -4.53
CA ALA B 116 -14.15 -11.24 -4.19
C ALA B 116 -15.45 -11.78 -3.55
N ASP B 117 -16.36 -10.93 -3.04
CA ASP B 117 -17.68 -11.46 -2.64
C ASP B 117 -18.55 -11.70 -3.86
N CYS B 118 -18.89 -10.63 -4.58
CA CYS B 118 -19.94 -10.65 -5.60
C CYS B 118 -19.52 -11.16 -6.96
N VAL B 119 -18.22 -11.30 -7.25
CA VAL B 119 -17.74 -11.91 -8.51
C VAL B 119 -17.03 -13.24 -8.25
N LEU B 120 -16.05 -13.25 -7.37
CA LEU B 120 -15.23 -14.45 -7.27
C LEU B 120 -15.93 -15.57 -6.51
N ALA B 121 -16.85 -15.21 -5.62
CA ALA B 121 -17.56 -16.21 -4.85
C ALA B 121 -19.04 -16.31 -5.24
N ASN B 122 -19.51 -15.48 -6.16
CA ASN B 122 -20.93 -15.38 -6.46
C ASN B 122 -21.35 -16.17 -7.69
N TRP B 123 -20.94 -17.44 -7.81
CA TRP B 123 -21.23 -18.20 -9.01
C TRP B 123 -21.48 -19.68 -8.73
N LYS B 124 -22.08 -20.34 -9.72
CA LYS B 124 -22.33 -21.77 -9.69
C LYS B 124 -22.36 -22.27 -11.12
N LYS B 125 -22.07 -23.54 -11.28
CA LYS B 125 -22.25 -24.20 -12.56
C LYS B 125 -23.63 -24.86 -12.63
N LYS B 126 -24.24 -24.78 -13.80
CA LYS B 126 -25.53 -25.46 -14.00
C LYS B 126 -25.28 -26.96 -13.94
N ASP B 127 -24.63 -27.51 -14.98
CA ASP B 127 -24.28 -28.94 -15.04
C ASP B 127 -22.85 -29.16 -14.55
N PRO B 128 -22.64 -29.82 -13.40
CA PRO B 128 -21.26 -30.03 -12.92
C PRO B 128 -20.34 -30.72 -13.93
N ASN B 129 -20.88 -31.35 -14.98
CA ASN B 129 -20.06 -32.12 -15.90
C ASN B 129 -19.72 -31.34 -17.17
N LYS B 130 -20.34 -30.19 -17.40
CA LYS B 130 -20.05 -29.41 -18.61
C LYS B 130 -19.03 -28.32 -18.29
N PRO B 131 -18.57 -27.51 -19.24
CA PRO B 131 -17.49 -26.55 -18.96
C PRO B 131 -17.92 -25.18 -18.45
N LEU B 132 -16.95 -24.49 -17.83
CA LEU B 132 -17.13 -23.13 -17.29
C LEU B 132 -17.38 -22.13 -18.41
N THR B 133 -18.60 -22.12 -18.91
CA THR B 133 -19.03 -21.21 -19.96
C THR B 133 -20.28 -20.49 -19.48
N TYR B 134 -20.51 -19.29 -20.02
CA TYR B 134 -21.66 -18.50 -19.62
C TYR B 134 -22.92 -19.36 -19.58
N GLU B 135 -23.13 -20.11 -20.67
CA GLU B 135 -24.34 -20.91 -20.85
C GLU B 135 -24.54 -21.88 -19.71
N ASN B 136 -23.45 -22.37 -19.11
CA ASN B 136 -23.53 -23.36 -18.05
C ASN B 136 -23.35 -22.74 -16.68
N MET B 137 -23.49 -21.42 -16.54
CA MET B 137 -23.29 -20.80 -15.24
C MET B 137 -24.44 -19.87 -14.87
N ASP B 138 -24.52 -19.63 -13.56
CA ASP B 138 -25.39 -18.61 -13.01
C ASP B 138 -24.69 -18.02 -11.79
N VAL B 139 -25.21 -16.88 -11.32
CA VAL B 139 -24.82 -16.31 -10.03
C VAL B 139 -25.73 -16.83 -8.92
N LEU B 140 -25.35 -16.58 -7.66
CA LEU B 140 -26.15 -16.93 -6.49
C LEU B 140 -27.01 -15.79 -5.96
N PHE B 141 -26.77 -14.54 -6.35
CA PHE B 141 -27.53 -13.42 -5.81
C PHE B 141 -27.62 -12.29 -6.82
N SER B 142 -28.72 -11.55 -6.74
CA SER B 142 -28.90 -10.31 -7.47
C SER B 142 -29.46 -9.25 -6.53
N PHE B 143 -29.69 -8.05 -7.07
CA PHE B 143 -30.36 -6.98 -6.35
C PHE B 143 -31.80 -6.75 -6.86
N ARG B 144 -31.98 -6.48 -8.15
CA ARG B 144 -33.29 -6.20 -8.70
C ARG B 144 -33.47 -6.96 -10.00
N ASP B 145 -34.67 -7.47 -10.24
CA ASP B 145 -34.97 -8.03 -11.54
C ASP B 145 -34.54 -7.02 -12.58
N GLY B 146 -33.97 -7.51 -13.68
CA GLY B 146 -33.57 -6.62 -14.74
C GLY B 146 -32.23 -5.93 -14.53
N ASP B 147 -31.56 -6.13 -13.39
CA ASP B 147 -30.35 -5.35 -13.09
C ASP B 147 -29.12 -5.85 -13.84
N CYS B 148 -29.23 -6.94 -14.58
CA CYS B 148 -28.12 -7.48 -15.36
C CYS B 148 -26.94 -7.94 -14.49
N SER B 149 -27.21 -8.36 -13.26
CA SER B 149 -26.13 -8.76 -12.36
C SER B 149 -25.52 -10.09 -12.77
N LYS B 150 -26.32 -11.01 -13.29
CA LYS B 150 -25.73 -12.24 -13.80
C LYS B 150 -24.77 -11.93 -14.94
N GLY B 151 -25.20 -11.09 -15.89
CA GLY B 151 -24.35 -10.79 -17.03
C GLY B 151 -23.05 -10.11 -16.64
N PHE B 152 -23.15 -9.08 -15.80
CA PHE B 152 -21.96 -8.35 -15.34
C PHE B 152 -21.06 -9.23 -14.49
N PHE B 153 -21.63 -9.89 -13.47
CA PHE B 153 -20.76 -10.65 -12.59
C PHE B 153 -20.09 -11.78 -13.35
N LEU B 154 -20.84 -12.48 -14.20
CA LEU B 154 -20.28 -13.68 -14.85
C LEU B 154 -19.29 -13.33 -15.95
N VAL B 155 -19.55 -12.32 -16.76
CA VAL B 155 -18.55 -11.97 -17.76
C VAL B 155 -17.27 -11.54 -17.05
N SER B 156 -17.42 -10.86 -15.91
CA SER B 156 -16.27 -10.48 -15.09
C SER B 156 -15.49 -11.71 -14.66
N LEU B 157 -16.20 -12.60 -13.98
CA LEU B 157 -15.62 -13.86 -13.56
C LEU B 157 -14.92 -14.56 -14.70
N LEU B 158 -15.56 -14.63 -15.85
CA LEU B 158 -15.04 -15.43 -16.94
C LEU B 158 -13.74 -14.86 -17.44
N VAL B 159 -13.63 -13.54 -17.44
CA VAL B 159 -12.40 -12.89 -17.89
C VAL B 159 -11.29 -13.14 -16.88
N GLU B 160 -11.60 -13.07 -15.58
CA GLU B 160 -10.64 -13.50 -14.55
C GLU B 160 -10.12 -14.87 -14.86
N ILE B 161 -11.01 -15.84 -15.03
CA ILE B 161 -10.58 -17.22 -15.22
C ILE B 161 -9.73 -17.34 -16.47
N ALA B 162 -10.10 -16.63 -17.54
CA ALA B 162 -9.25 -16.57 -18.72
C ALA B 162 -7.87 -16.01 -18.40
N ALA B 163 -7.80 -14.96 -17.58
CA ALA B 163 -6.52 -14.39 -17.19
C ALA B 163 -5.73 -15.33 -16.30
N ALA B 164 -6.40 -16.19 -15.54
CA ALA B 164 -5.70 -17.06 -14.60
C ALA B 164 -4.92 -18.22 -15.27
N SER B 165 -5.14 -18.48 -16.56
CA SER B 165 -4.28 -19.42 -17.29
C SER B 165 -2.82 -19.02 -17.24
N ALA B 166 -2.55 -17.74 -17.00
CA ALA B 166 -1.20 -17.23 -16.92
C ALA B 166 -0.56 -17.42 -15.56
N ILE B 167 -1.35 -17.60 -14.50
CA ILE B 167 -0.80 -17.63 -13.15
C ILE B 167 0.17 -18.78 -13.00
N LYS B 168 -0.15 -19.92 -13.62
CA LYS B 168 0.78 -21.04 -13.58
C LYS B 168 2.10 -20.72 -14.26
N VAL B 169 2.12 -19.75 -15.17
CA VAL B 169 3.33 -19.40 -15.89
C VAL B 169 4.21 -18.46 -15.09
N ILE B 170 3.65 -17.75 -14.12
CA ILE B 170 4.46 -16.84 -13.30
C ILE B 170 5.69 -17.53 -12.75
N PRO B 171 5.57 -18.65 -12.08
CA PRO B 171 6.77 -19.26 -11.49
C PRO B 171 7.81 -19.59 -12.53
N THR B 172 7.37 -20.05 -13.71
CA THR B 172 8.37 -20.41 -14.70
C THR B 172 9.11 -19.17 -15.18
N VAL B 173 8.46 -17.99 -15.16
CA VAL B 173 9.16 -16.77 -15.54
C VAL B 173 10.28 -16.45 -14.55
N PHE B 174 10.00 -16.56 -13.25
CA PHE B 174 10.99 -16.10 -12.27
C PHE B 174 12.10 -17.13 -12.12
N LYS B 175 11.79 -18.42 -12.23
CA LYS B 175 12.83 -19.45 -12.21
C LYS B 175 13.78 -19.27 -13.38
N ALA B 176 13.24 -19.31 -14.60
CA ALA B 176 14.03 -19.03 -15.79
C ALA B 176 14.99 -17.86 -15.63
N MET B 177 14.55 -16.75 -15.03
CA MET B 177 15.45 -15.62 -14.81
C MET B 177 16.61 -15.97 -13.88
N GLN B 178 16.28 -16.53 -12.71
CA GLN B 178 17.30 -16.87 -11.72
C GLN B 178 18.32 -17.83 -12.29
N MET B 179 17.86 -18.85 -13.04
CA MET B 179 18.73 -19.87 -13.61
C MET B 179 19.19 -19.52 -15.02
N GLN B 180 18.94 -18.29 -15.44
CA GLN B 180 19.40 -17.77 -16.70
C GLN B 180 19.05 -18.68 -17.88
N GLU B 181 17.77 -19.08 -17.97
CA GLU B 181 17.30 -19.90 -19.09
C GLU B 181 16.55 -19.01 -20.08
N ARG B 182 17.28 -18.44 -21.03
CA ARG B 182 16.74 -17.39 -21.87
C ARG B 182 15.66 -17.93 -22.78
N ASP B 183 15.79 -19.19 -23.18
CA ASP B 183 14.81 -19.72 -24.11
C ASP B 183 13.51 -20.00 -23.37
N THR B 184 13.63 -20.60 -22.19
CA THR B 184 12.48 -20.86 -21.35
C THR B 184 11.73 -19.58 -21.01
N LEU B 185 12.44 -18.47 -20.74
CA LEU B 185 11.78 -17.24 -20.33
C LEU B 185 10.99 -16.64 -21.49
N LEU B 186 11.56 -16.67 -22.68
CA LEU B 186 10.87 -16.13 -23.86
C LEU B 186 9.61 -16.92 -24.16
N LYS B 187 9.67 -18.25 -24.04
CA LYS B 187 8.49 -19.07 -24.24
C LYS B 187 7.42 -18.73 -23.20
N ALA B 188 7.83 -18.65 -21.92
CA ALA B 188 6.95 -18.23 -20.84
C ALA B 188 6.27 -16.93 -21.17
N LEU B 189 7.03 -15.93 -21.66
CA LEU B 189 6.44 -14.62 -21.93
C LEU B 189 5.43 -14.70 -23.05
N LEU B 190 5.67 -15.55 -24.05
CA LEU B 190 4.71 -15.62 -25.15
C LEU B 190 3.44 -16.29 -24.70
N GLU B 191 3.57 -17.34 -23.87
CA GLU B 191 2.41 -18.00 -23.31
C GLU B 191 1.57 -17.00 -22.51
N ILE B 192 2.23 -16.10 -21.78
CA ILE B 192 1.49 -15.11 -21.04
C ILE B 192 0.76 -14.17 -21.99
N ALA B 193 1.48 -13.65 -23.00
CA ALA B 193 0.83 -12.72 -23.92
C ALA B 193 -0.39 -13.36 -24.57
N SER B 194 -0.28 -14.66 -24.90
CA SER B 194 -1.40 -15.43 -25.42
C SER B 194 -2.59 -15.43 -24.48
N CYS B 195 -2.33 -15.48 -23.16
CA CYS B 195 -3.43 -15.50 -22.19
C CYS B 195 -4.19 -14.18 -22.20
N LEU B 196 -3.48 -13.05 -22.20
CA LEU B 196 -4.14 -11.74 -22.25
C LEU B 196 -4.78 -11.45 -23.60
N GLU B 197 -4.40 -12.18 -24.65
CA GLU B 197 -5.11 -12.07 -25.93
C GLU B 197 -6.45 -12.80 -25.87
N LYS B 198 -6.50 -13.91 -25.14
CA LYS B 198 -7.74 -14.64 -24.90
C LYS B 198 -8.71 -13.84 -24.03
N ALA B 199 -8.24 -13.35 -22.89
CA ALA B 199 -9.12 -12.60 -21.99
C ALA B 199 -9.80 -11.46 -22.73
N LEU B 200 -9.17 -10.92 -23.75
CA LEU B 200 -9.79 -9.85 -24.51
C LEU B 200 -11.03 -10.37 -25.27
N GLN B 201 -10.94 -11.58 -25.82
CA GLN B 201 -12.05 -12.09 -26.62
C GLN B 201 -13.21 -12.48 -25.73
N VAL B 202 -12.91 -13.09 -24.59
CA VAL B 202 -13.90 -13.40 -23.56
C VAL B 202 -14.69 -12.15 -23.18
N PHE B 203 -14.01 -11.01 -23.10
CA PHE B 203 -14.63 -9.76 -22.68
C PHE B 203 -15.78 -9.36 -23.62
N HIS B 204 -15.72 -9.75 -24.90
CA HIS B 204 -16.74 -9.40 -25.90
C HIS B 204 -18.16 -9.80 -25.48
N GLN B 205 -18.30 -10.91 -24.76
CA GLN B 205 -19.59 -11.38 -24.25
C GLN B 205 -20.35 -10.31 -23.46
N ILE B 206 -19.65 -9.32 -22.91
CA ILE B 206 -20.30 -8.31 -22.09
C ILE B 206 -21.53 -7.74 -22.80
N HIS B 207 -21.40 -7.45 -24.10
CA HIS B 207 -22.45 -6.75 -24.87
C HIS B 207 -23.74 -7.55 -24.98
N ASP B 208 -23.65 -8.87 -24.87
CA ASP B 208 -24.77 -9.79 -25.00
C ASP B 208 -25.40 -10.16 -23.69
N HIS B 209 -24.96 -9.56 -22.58
CA HIS B 209 -25.52 -9.91 -21.28
C HIS B 209 -25.68 -8.71 -20.36
N VAL B 210 -25.34 -7.52 -20.82
CA VAL B 210 -25.40 -6.31 -20.02
C VAL B 210 -25.88 -5.19 -20.92
N ASN B 211 -26.96 -4.51 -20.52
CA ASN B 211 -27.39 -3.35 -21.27
C ASN B 211 -27.06 -2.07 -20.51
N PRO B 212 -26.74 -1.01 -21.24
CA PRO B 212 -26.22 0.19 -20.58
C PRO B 212 -27.18 0.83 -19.61
N LYS B 213 -28.47 0.86 -19.97
CA LYS B 213 -29.47 1.49 -19.10
C LYS B 213 -29.51 0.81 -17.73
N ALA B 214 -29.59 -0.53 -17.71
CA ALA B 214 -29.66 -1.23 -16.43
C ALA B 214 -28.38 -1.07 -15.65
N PHE B 215 -27.23 -1.19 -16.33
CA PHE B 215 -25.98 -1.08 -15.59
C PHE B 215 -25.89 0.28 -14.95
N PHE B 216 -26.13 1.32 -15.73
CA PHE B 216 -25.92 2.66 -15.24
C PHE B 216 -26.97 3.06 -14.22
N SER B 217 -28.25 2.78 -14.49
CA SER B 217 -29.34 3.27 -13.65
C SER B 217 -29.60 2.41 -12.41
N VAL B 218 -29.09 1.18 -12.36
CA VAL B 218 -29.49 0.24 -11.31
C VAL B 218 -28.27 -0.47 -10.71
N LEU B 219 -27.63 -1.36 -11.48
CA LEU B 219 -26.56 -2.15 -10.90
C LEU B 219 -25.49 -1.26 -10.25
N ARG B 220 -25.02 -0.25 -10.99
CA ARG B 220 -24.01 0.67 -10.46
C ARG B 220 -24.42 1.21 -9.08
N ILE B 221 -25.69 1.50 -8.88
CA ILE B 221 -26.16 2.08 -7.60
C ILE B 221 -25.90 1.13 -6.43
N TYR B 222 -26.19 -0.18 -6.61
CA TYR B 222 -26.00 -1.15 -5.54
C TYR B 222 -24.53 -1.56 -5.36
N LEU B 223 -23.65 -1.28 -6.34
CA LEU B 223 -22.23 -1.54 -6.17
C LEU B 223 -21.49 -0.39 -5.45
N SER B 224 -22.12 0.77 -5.31
CA SER B 224 -21.43 1.91 -4.73
C SER B 224 -21.21 1.74 -3.25
N GLY B 225 -20.05 2.22 -2.79
CA GLY B 225 -19.75 2.23 -1.39
C GLY B 225 -20.02 3.58 -0.77
N TRP B 226 -19.32 3.84 0.33
CA TRP B 226 -19.54 5.04 1.13
C TRP B 226 -18.19 5.60 1.55
N LYS B 227 -17.32 5.80 0.57
CA LYS B 227 -16.07 6.51 0.75
C LYS B 227 -16.07 7.68 -0.20
N GLY B 228 -15.88 8.87 0.31
CA GLY B 228 -16.03 10.04 -0.53
C GLY B 228 -17.36 10.05 -1.23
N ASN B 229 -18.38 9.44 -0.62
CA ASN B 229 -19.69 9.48 -1.21
C ASN B 229 -20.50 10.60 -0.58
N PRO B 230 -21.00 11.55 -1.37
CA PRO B 230 -21.82 12.64 -0.78
C PRO B 230 -23.02 12.15 -0.01
N GLN B 231 -23.72 11.13 -0.51
CA GLN B 231 -24.87 10.50 0.17
C GLN B 231 -24.53 9.97 1.55
N LEU B 232 -23.26 9.84 1.90
CA LEU B 232 -22.88 9.38 3.21
C LEU B 232 -21.50 9.95 3.55
N SER B 233 -21.39 11.28 3.48
CA SER B 233 -20.09 11.95 3.49
C SER B 233 -19.21 11.59 4.70
N ASP B 234 -19.77 10.97 5.74
CA ASP B 234 -18.97 10.50 6.88
C ASP B 234 -18.92 8.98 7.02
N GLY B 235 -19.56 8.25 6.12
CA GLY B 235 -19.48 6.81 6.15
C GLY B 235 -20.76 6.24 6.70
N LEU B 236 -20.69 4.95 6.98
CA LEU B 236 -21.78 4.16 7.53
C LEU B 236 -21.50 3.94 9.00
N VAL B 237 -22.57 3.69 9.75
CA VAL B 237 -22.46 3.34 11.15
C VAL B 237 -22.73 1.85 11.27
N TYR B 238 -21.76 1.14 11.82
CA TYR B 238 -21.89 -0.28 12.13
C TYR B 238 -22.32 -0.30 13.61
N GLU B 239 -23.63 -0.51 13.82
CA GLU B 239 -24.26 -0.41 15.15
C GLU B 239 -23.67 -1.44 16.09
N GLY B 240 -22.94 -0.99 17.12
CA GLY B 240 -22.42 -1.88 18.13
C GLY B 240 -20.97 -2.28 17.98
N PHE B 241 -20.39 -2.13 16.78
CA PHE B 241 -19.00 -2.53 16.55
C PHE B 241 -18.07 -1.33 16.68
N TRP B 242 -18.34 -0.28 15.91
CA TRP B 242 -17.81 1.05 16.14
C TRP B 242 -18.95 1.97 16.52
N GLU B 243 -18.56 3.08 17.12
CA GLU B 243 -19.49 4.14 17.44
C GLU B 243 -19.33 5.33 16.53
N ASP B 244 -18.15 5.50 15.94
CA ASP B 244 -17.85 6.51 14.94
C ASP B 244 -18.02 5.91 13.55
N PRO B 245 -18.64 6.63 12.61
CA PRO B 245 -18.88 6.06 11.28
C PRO B 245 -17.59 5.59 10.60
N LYS B 246 -17.76 4.92 9.44
CA LYS B 246 -16.64 4.28 8.75
C LYS B 246 -16.83 4.38 7.24
N GLU B 247 -15.83 4.97 6.58
CA GLU B 247 -15.80 5.10 5.13
C GLU B 247 -15.10 3.90 4.49
N PHE B 248 -15.85 3.13 3.67
CA PHE B 248 -15.31 1.99 2.93
C PHE B 248 -15.73 2.05 1.47
N ALA B 249 -14.86 1.56 0.60
CA ALA B 249 -15.03 1.76 -0.83
C ALA B 249 -15.89 0.65 -1.43
N GLY B 250 -16.69 1.02 -2.45
CA GLY B 250 -17.51 0.05 -3.14
C GLY B 250 -16.70 -0.95 -3.94
N GLY B 251 -17.39 -1.94 -4.47
CA GLY B 251 -16.71 -2.99 -5.21
C GLY B 251 -16.15 -2.47 -6.52
N SER B 252 -15.04 -3.08 -6.97
CA SER B 252 -14.32 -2.62 -8.15
C SER B 252 -13.36 -3.69 -8.63
N ALA B 253 -13.20 -3.77 -9.96
CA ALA B 253 -12.19 -4.67 -10.48
C ALA B 253 -10.79 -4.14 -10.23
N GLY B 254 -10.68 -2.91 -9.73
CA GLY B 254 -9.49 -2.46 -9.07
C GLY B 254 -9.04 -3.43 -8.00
N GLN B 255 -9.99 -4.22 -7.44
CA GLN B 255 -9.75 -5.24 -6.42
C GLN B 255 -9.45 -6.61 -7.00
N SER B 256 -9.47 -6.77 -8.33
CA SER B 256 -9.03 -8.03 -8.92
C SER B 256 -7.53 -8.23 -8.70
N SER B 257 -7.17 -9.40 -8.18
CA SER B 257 -5.77 -9.77 -7.98
C SER B 257 -5.06 -10.13 -9.29
N VAL B 258 -5.73 -10.74 -10.28
CA VAL B 258 -5.00 -11.16 -11.48
C VAL B 258 -4.48 -9.94 -12.23
N PHE B 259 -5.28 -8.89 -12.29
CA PHE B 259 -4.87 -7.82 -13.19
C PHE B 259 -3.79 -6.98 -12.55
N GLN B 260 -3.79 -6.92 -11.22
CA GLN B 260 -2.66 -6.31 -10.54
C GLN B 260 -1.43 -7.20 -10.66
N CYS B 261 -1.64 -8.51 -10.78
CA CYS B 261 -0.51 -9.42 -10.97
C CYS B 261 0.23 -9.17 -12.26
N PHE B 262 -0.48 -8.82 -13.33
CA PHE B 262 0.22 -8.63 -14.57
C PHE B 262 1.07 -7.38 -14.53
N ASP B 263 0.53 -6.30 -13.97
CA ASP B 263 1.32 -5.08 -13.79
C ASP B 263 2.58 -5.39 -12.99
N VAL B 264 2.45 -6.13 -11.89
CA VAL B 264 3.61 -6.40 -11.04
C VAL B 264 4.58 -7.36 -11.75
N LEU B 265 4.05 -8.40 -12.37
CA LEU B 265 4.88 -9.32 -13.14
C LEU B 265 5.78 -8.58 -14.13
N LEU B 266 5.23 -7.61 -14.85
CA LEU B 266 5.91 -7.00 -15.97
C LEU B 266 6.59 -5.72 -15.60
N GLY B 267 6.62 -5.37 -14.32
CA GLY B 267 7.34 -4.18 -13.90
C GLY B 267 6.67 -2.90 -14.33
N ILE B 268 5.35 -2.94 -14.46
CA ILE B 268 4.48 -1.79 -14.68
C ILE B 268 4.13 -1.25 -13.29
N GLN B 269 4.79 -0.17 -12.88
CA GLN B 269 4.69 0.29 -11.50
C GLN B 269 3.38 1.08 -11.36
N GLN B 270 2.27 0.35 -11.33
CA GLN B 270 0.98 1.03 -11.23
C GLN B 270 0.85 1.75 -9.89
N THR B 271 1.47 1.20 -8.84
CA THR B 271 1.34 1.68 -7.48
C THR B 271 2.40 2.71 -7.07
N ALA B 272 3.24 3.17 -8.00
CA ALA B 272 4.29 4.15 -7.72
C ALA B 272 3.90 5.56 -8.19
N GLY B 273 4.72 6.53 -7.77
CA GLY B 273 4.65 7.87 -8.33
C GLY B 273 3.63 8.78 -7.68
N GLY B 274 2.80 8.22 -6.78
CA GLY B 274 1.92 8.98 -5.91
C GLY B 274 0.83 9.75 -6.62
N GLY B 275 0.57 9.43 -7.90
CA GLY B 275 -0.64 9.93 -8.53
C GLY B 275 -1.85 9.30 -7.86
N HIS B 276 -3.06 9.77 -8.22
CA HIS B 276 -4.20 9.18 -7.54
C HIS B 276 -4.55 7.81 -8.10
N ALA B 277 -4.18 7.51 -9.35
CA ALA B 277 -4.39 6.18 -9.93
C ALA B 277 -3.62 5.13 -9.15
N ALA B 278 -2.41 5.46 -8.72
CA ALA B 278 -1.58 4.54 -7.94
C ALA B 278 -2.10 4.41 -6.52
N GLN B 279 -2.73 5.47 -6.02
CA GLN B 279 -3.31 5.46 -4.69
C GLN B 279 -4.47 4.47 -4.61
N PHE B 280 -5.44 4.61 -5.51
CA PHE B 280 -6.60 3.72 -5.51
C PHE B 280 -6.19 2.25 -5.60
N LEU B 281 -5.37 1.92 -6.59
CA LEU B 281 -5.06 0.52 -6.84
C LEU B 281 -4.31 -0.10 -5.66
N GLN B 282 -3.52 0.71 -4.94
CA GLN B 282 -2.87 0.23 -3.70
C GLN B 282 -3.89 0.00 -2.58
N ASP B 283 -4.74 1.01 -2.31
CA ASP B 283 -5.77 0.87 -1.28
C ASP B 283 -6.69 -0.32 -1.57
N MET B 284 -7.00 -0.57 -2.85
CA MET B 284 -7.86 -1.71 -3.18
C MET B 284 -7.23 -3.04 -2.82
N ARG B 285 -5.95 -3.07 -2.45
CA ARG B 285 -5.35 -4.32 -2.01
C ARG B 285 -5.89 -4.75 -0.65
N ARG B 286 -6.31 -3.78 0.19
CA ARG B 286 -6.88 -4.15 1.48
C ARG B 286 -8.27 -4.78 1.32
N TYR B 287 -8.88 -4.70 0.13
CA TYR B 287 -10.18 -5.29 -0.13
C TYR B 287 -10.04 -6.65 -0.80
N MET B 288 -8.79 -7.15 -0.96
CA MET B 288 -8.57 -8.49 -1.47
C MET B 288 -8.49 -9.50 -0.32
N PRO B 289 -8.86 -10.76 -0.56
CA PRO B 289 -8.55 -11.82 0.42
C PRO B 289 -7.09 -11.75 0.82
N PRO B 290 -6.78 -12.01 2.09
CA PRO B 290 -5.41 -11.75 2.54
C PRO B 290 -4.40 -12.67 1.89
N ALA B 291 -4.79 -13.89 1.48
CA ALA B 291 -3.87 -14.78 0.80
C ALA B 291 -3.44 -14.25 -0.56
N HIS B 292 -4.32 -13.49 -1.21
CA HIS B 292 -4.02 -12.91 -2.51
C HIS B 292 -3.19 -11.64 -2.38
N ARG B 293 -3.46 -10.85 -1.36
CA ARG B 293 -2.59 -9.74 -0.98
C ARG B 293 -1.17 -10.21 -0.73
N ASN B 294 -1.04 -11.36 -0.07
CA ASN B 294 0.28 -11.90 0.17
C ASN B 294 0.92 -12.37 -1.13
N PHE B 295 0.15 -12.99 -2.00
CA PHE B 295 0.72 -13.42 -3.27
C PHE B 295 1.28 -12.22 -4.03
N LEU B 296 0.55 -11.09 -4.06
CA LEU B 296 1.06 -9.91 -4.74
C LEU B 296 2.35 -9.43 -4.12
N CYS B 297 2.37 -9.30 -2.78
CA CYS B 297 3.59 -8.97 -2.03
C CYS B 297 4.76 -9.84 -2.47
N SER B 298 4.54 -11.16 -2.46
CA SER B 298 5.58 -12.08 -2.84
C SER B 298 5.99 -11.90 -4.31
N LEU B 299 5.05 -11.54 -5.18
CA LEU B 299 5.43 -11.21 -6.55
C LEU B 299 6.35 -10.00 -6.58
N GLU B 300 6.00 -8.97 -5.81
CA GLU B 300 6.70 -7.69 -5.93
C GLU B 300 8.12 -7.83 -5.41
N SER B 301 8.28 -8.73 -4.43
CA SER B 301 9.57 -9.06 -3.84
C SER B 301 10.50 -9.80 -4.82
N ASN B 302 10.06 -10.11 -6.00
CA ASN B 302 10.94 -10.67 -7.01
C ASN B 302 11.60 -9.56 -7.81
N PRO B 303 12.71 -9.91 -8.43
CA PRO B 303 13.39 -8.93 -9.30
C PRO B 303 12.59 -8.63 -10.56
N SER B 304 12.62 -7.37 -10.96
CA SER B 304 11.88 -6.90 -12.13
C SER B 304 12.15 -7.75 -13.36
N VAL B 305 11.12 -8.43 -13.86
CA VAL B 305 11.19 -9.02 -15.20
C VAL B 305 11.53 -7.95 -16.23
N ARG B 306 11.10 -6.72 -16.00
CA ARG B 306 11.26 -5.71 -17.02
C ARG B 306 12.73 -5.32 -17.13
N GLU B 307 13.38 -5.11 -15.97
CA GLU B 307 14.79 -4.71 -15.99
C GLU B 307 15.64 -5.85 -16.53
N PHE B 308 15.33 -7.09 -16.15
CA PHE B 308 16.06 -8.23 -16.67
C PHE B 308 16.04 -8.22 -18.19
N VAL B 309 14.88 -7.96 -18.78
CA VAL B 309 14.80 -8.02 -20.23
C VAL B 309 15.47 -6.80 -20.82
N LEU B 310 15.26 -5.65 -20.23
CA LEU B 310 15.86 -4.45 -20.76
C LEU B 310 17.37 -4.61 -20.88
N SER B 311 17.99 -5.28 -19.89
CA SER B 311 19.44 -5.36 -19.72
C SER B 311 20.12 -6.39 -20.61
N LYS B 312 19.35 -7.19 -21.35
CA LYS B 312 19.90 -8.31 -22.09
C LYS B 312 20.18 -7.99 -23.56
N GLY B 313 19.60 -6.95 -24.15
CA GLY B 313 19.98 -6.65 -25.54
C GLY B 313 19.61 -7.76 -26.51
N ASP B 314 18.41 -8.33 -26.33
CA ASP B 314 18.03 -9.61 -26.93
C ASP B 314 16.69 -9.39 -27.64
N ALA B 315 16.73 -8.94 -28.90
CA ALA B 315 15.53 -8.55 -29.65
C ALA B 315 14.36 -9.51 -29.43
N GLY B 316 14.68 -10.79 -29.29
CA GLY B 316 13.62 -11.78 -29.16
C GLY B 316 12.90 -11.67 -27.84
N LEU B 317 13.66 -11.59 -26.74
CA LEU B 317 13.10 -11.37 -25.41
C LEU B 317 12.35 -10.05 -25.32
N ARG B 318 12.91 -8.98 -25.91
CA ARG B 318 12.23 -7.69 -25.89
C ARG B 318 10.88 -7.79 -26.59
N GLU B 319 10.85 -8.44 -27.76
CA GLU B 319 9.60 -8.61 -28.48
C GLU B 319 8.60 -9.37 -27.64
N ALA B 320 9.05 -10.43 -26.96
CA ALA B 320 8.14 -11.26 -26.18
C ALA B 320 7.57 -10.49 -24.99
N TYR B 321 8.40 -9.69 -24.32
CA TYR B 321 7.92 -8.87 -23.22
C TYR B 321 6.96 -7.81 -23.72
N ASP B 322 7.27 -7.22 -24.86
CA ASP B 322 6.41 -6.20 -25.44
C ASP B 322 5.09 -6.79 -25.92
N ALA B 323 5.08 -8.07 -26.27
CA ALA B 323 3.83 -8.66 -26.68
C ALA B 323 2.90 -8.79 -25.48
N CYS B 324 3.46 -8.98 -24.29
CA CYS B 324 2.70 -9.00 -23.04
C CYS B 324 2.13 -7.62 -22.70
N VAL B 325 2.98 -6.60 -22.67
CA VAL B 325 2.47 -5.26 -22.42
C VAL B 325 1.40 -4.90 -23.44
N LYS B 326 1.65 -5.22 -24.73
CA LYS B 326 0.73 -4.86 -25.79
C LYS B 326 -0.66 -5.39 -25.51
N ALA B 327 -0.72 -6.67 -25.11
CA ALA B 327 -2.00 -7.32 -24.84
C ALA B 327 -2.71 -6.68 -23.66
N LEU B 328 -1.96 -6.24 -22.64
CA LEU B 328 -2.55 -5.54 -21.49
C LEU B 328 -3.12 -4.20 -21.90
N VAL B 329 -2.34 -3.42 -22.68
CA VAL B 329 -2.83 -2.18 -23.27
C VAL B 329 -4.12 -2.44 -24.04
N SER B 330 -4.14 -3.49 -24.87
CA SER B 330 -5.29 -3.79 -25.70
C SER B 330 -6.50 -4.08 -24.83
N LEU B 331 -6.28 -4.69 -23.66
CA LEU B 331 -7.39 -5.00 -22.79
C LEU B 331 -7.91 -3.75 -22.15
N ARG B 332 -7.03 -2.90 -21.65
CA ARG B 332 -7.50 -1.71 -20.99
C ARG B 332 -8.23 -0.79 -21.95
N SER B 333 -7.86 -0.82 -23.21
CA SER B 333 -8.41 0.07 -24.22
C SER B 333 -9.77 -0.43 -24.70
N TYR B 334 -9.96 -1.74 -24.74
CA TYR B 334 -11.28 -2.28 -24.98
C TYR B 334 -12.20 -1.95 -23.83
N HIS B 335 -11.68 -2.07 -22.62
CA HIS B 335 -12.40 -1.69 -21.41
C HIS B 335 -12.78 -0.21 -21.43
N LEU B 336 -11.86 0.69 -21.81
CA LEU B 336 -12.20 2.12 -21.88
C LEU B 336 -13.42 2.35 -22.78
N GLN B 337 -13.45 1.67 -23.92
CA GLN B 337 -14.58 1.82 -24.83
C GLN B 337 -15.87 1.31 -24.20
N ILE B 338 -15.78 0.24 -23.41
CA ILE B 338 -16.96 -0.27 -22.74
C ILE B 338 -17.45 0.71 -21.68
N VAL B 339 -16.54 1.31 -20.95
CA VAL B 339 -16.95 2.38 -20.05
C VAL B 339 -17.63 3.49 -20.83
N THR B 340 -17.17 3.80 -22.05
CA THR B 340 -17.78 4.88 -22.82
C THR B 340 -19.26 4.60 -23.08
N LYS B 341 -19.57 3.35 -23.52
CA LYS B 341 -20.95 2.94 -23.81
C LYS B 341 -21.78 2.71 -22.54
N TYR B 342 -21.20 2.09 -21.51
CA TYR B 342 -21.96 1.67 -20.36
C TYR B 342 -22.00 2.71 -19.25
N ILE B 343 -21.24 3.80 -19.36
CA ILE B 343 -21.31 4.85 -18.32
C ILE B 343 -21.41 6.25 -18.91
N LEU B 344 -20.53 6.59 -19.85
CA LEU B 344 -20.40 7.99 -20.28
C LEU B 344 -21.65 8.46 -21.02
N ILE B 345 -22.05 7.70 -22.03
CA ILE B 345 -23.19 8.01 -22.87
C ILE B 345 -24.47 7.91 -22.06
N PRO B 346 -24.78 6.77 -21.39
CA PRO B 346 -25.91 6.72 -20.45
C PRO B 346 -25.99 7.94 -19.54
N ALA B 347 -24.88 8.27 -18.88
CA ALA B 347 -24.84 9.44 -18.03
C ALA B 347 -25.31 10.69 -18.76
N SER B 348 -25.09 10.77 -20.07
CA SER B 348 -25.55 11.93 -20.83
C SER B 348 -27.04 11.86 -21.20
N GLN B 349 -27.89 11.19 -20.39
CA GLN B 349 -29.34 11.06 -20.69
C GLN B 349 -30.27 10.99 -19.45
N THR B 371 -15.53 12.44 -17.34
CA THR B 371 -15.42 12.03 -15.94
C THR B 371 -13.99 11.93 -15.42
N ASP B 372 -13.91 11.96 -14.08
CA ASP B 372 -12.76 11.49 -13.34
C ASP B 372 -12.55 9.99 -13.52
N LEU B 373 -13.63 9.24 -13.79
CA LEU B 373 -13.54 7.80 -13.99
C LEU B 373 -12.73 7.48 -15.24
N MET B 374 -13.07 8.09 -16.36
CA MET B 374 -12.33 7.86 -17.59
C MET B 374 -10.87 8.26 -17.45
N ASN B 375 -10.59 9.28 -16.65
CA ASN B 375 -9.22 9.74 -16.52
C ASN B 375 -8.38 8.71 -15.80
N PHE B 376 -8.94 8.12 -14.74
CA PHE B 376 -8.25 7.06 -14.00
C PHE B 376 -7.85 5.95 -14.94
N LEU B 377 -8.78 5.48 -15.76
CA LEU B 377 -8.48 4.36 -16.63
C LEU B 377 -7.44 4.74 -17.66
N LYS B 378 -7.48 5.99 -18.13
CA LYS B 378 -6.53 6.48 -19.13
C LYS B 378 -5.14 6.59 -18.51
N THR B 379 -5.04 7.08 -17.27
CA THR B 379 -3.76 7.11 -16.57
C THR B 379 -3.17 5.72 -16.47
N VAL B 380 -3.99 4.74 -16.08
CA VAL B 380 -3.53 3.37 -15.89
C VAL B 380 -3.16 2.76 -17.22
N ARG B 381 -3.94 3.06 -18.25
CA ARG B 381 -3.62 2.66 -19.61
C ARG B 381 -2.28 3.25 -20.05
N SER B 382 -2.12 4.55 -19.84
CA SER B 382 -0.90 5.23 -20.24
C SER B 382 0.31 4.56 -19.60
N THR B 383 0.31 4.45 -18.26
CA THR B 383 1.42 3.79 -17.55
C THR B 383 1.77 2.44 -18.15
N THR B 384 0.75 1.70 -18.59
CA THR B 384 0.96 0.40 -19.22
C THR B 384 1.66 0.55 -20.56
N GLU B 385 1.18 1.49 -21.38
CA GLU B 385 1.76 1.72 -22.70
C GLU B 385 3.22 2.08 -22.61
N LYS B 386 3.56 2.91 -21.61
CA LYS B 386 4.91 3.44 -21.40
C LYS B 386 5.89 2.39 -20.95
N SER B 387 5.47 1.17 -20.73
CA SER B 387 6.38 0.11 -20.34
C SER B 387 6.85 -0.67 -21.55
N LEU B 388 6.30 -0.36 -22.72
CA LEU B 388 6.82 -0.97 -23.93
C LEU B 388 8.29 -0.64 -24.06
N LEU B 389 9.07 -1.61 -24.54
CA LEU B 389 10.46 -1.29 -24.83
C LEU B 389 10.61 -0.65 -26.20
N LYS B 390 9.85 -1.20 -27.17
CA LYS B 390 9.75 -0.69 -28.54
C LYS B 390 11.04 -0.90 -29.33
#